data_9EZS
#
_entry.id   9EZS
#
_cell.length_a   61.500
_cell.length_b   107.800
_cell.length_c   198.100
_cell.angle_alpha   90.00
_cell.angle_beta   90.00
_cell.angle_gamma   90.00
#
_symmetry.space_group_name_H-M   'P 21 21 21'
#
loop_
_entity.id
_entity.type
_entity.pdbx_description
1 polymer 'NAD(P)H dehydrogenase [quinone] 1'
2 polymer 'NAD(P)H dehydrogenase [quinone] 1'
3 non-polymer 'FLAVIN-ADENINE DINUCLEOTIDE'
4 water water
#
loop_
_entity_poly.entity_id
_entity_poly.type
_entity_poly.pdbx_seq_one_letter_code
_entity_poly.pdbx_strand_id
1 'polypeptide(L)'
;MVGRRALIVLAHSERTSFNYAMKEAAAAALKKKGWEVVESDLYAMNFNPIISRKDITGKLKDPANFQYPAESVLAYKEGH
LSPDIVAEQKKLEAADLVIFQFPLQWFGVPAILKGWFERVFIGEFAYTYAAMYDKGPFRSKKAVLSITTGGSGSMYSLQG
IHGDMNVILWPIQSGILHFCGFQVLEPQLTYSIGHTPADARIQILEGWKKRLENIWDETPLYFAPSSLFDLNFQAGFLMK
KEVQDEEKNKKFGLSVGHHLGKSIPTDNQIKARK
;
A,B,D
2 'polypeptide(L)'
;AMVGRRALIVLAHSERTSFNYAMKEAAAAALKKKGWEVVESDLYAMNFNPIISRKDITGKLKDPANFQYPAESVLAYKEG
HLSPDIVAEQKKLEAADLVIFQFPLQWFGVPAILKGWFERVFIGEFAYTYAAMYDKGPFRSKKAVLSITTGGSGSMYSLQ
GIHGDMNVILWPIQSGILHFCGFQVLEPQLTYSIGHTPADARIQILEGWKKRLENIWDETPLYFAPSSLFDLNFQAGFLM
KKEVQDEEKNKKFGLSVGHHLGKSIPTDNQIKARK
;
C
#
loop_
_chem_comp.id
_chem_comp.type
_chem_comp.name
_chem_comp.formula
FAD non-polymer 'FLAVIN-ADENINE DINUCLEOTIDE' 'C27 H33 N9 O15 P2'
#
# COMPACT_ATOMS: atom_id res chain seq x y z
N MET A 1 14.58 24.00 -27.74
CA MET A 1 15.02 22.83 -28.55
C MET A 1 13.81 21.98 -28.95
N VAL A 2 13.26 22.23 -30.15
CA VAL A 2 12.05 21.53 -30.57
C VAL A 2 12.46 20.15 -31.11
N GLY A 3 11.54 19.19 -30.96
CA GLY A 3 11.75 17.81 -31.37
C GLY A 3 12.26 16.95 -30.22
N ARG A 4 12.59 17.57 -29.07
CA ARG A 4 13.31 16.90 -28.00
C ARG A 4 12.35 16.57 -26.86
N ARG A 5 12.69 15.48 -26.14
N ARG A 5 12.69 15.48 -26.14
CA ARG A 5 11.83 14.91 -25.11
CA ARG A 5 11.83 14.91 -25.11
C ARG A 5 12.51 15.01 -23.76
C ARG A 5 12.51 15.01 -23.76
N ALA A 6 11.76 15.46 -22.75
CA ALA A 6 12.23 15.52 -21.38
C ALA A 6 11.38 14.56 -20.52
N LEU A 7 12.05 13.84 -19.59
CA LEU A 7 11.35 13.12 -18.54
C LEU A 7 11.61 13.85 -17.21
N ILE A 8 10.56 14.13 -16.44
CA ILE A 8 10.74 14.71 -15.11
C ILE A 8 10.32 13.68 -14.08
N VAL A 9 11.24 13.28 -13.20
CA VAL A 9 10.96 12.38 -12.10
C VAL A 9 10.83 13.18 -10.82
N LEU A 10 9.65 13.10 -10.16
CA LEU A 10 9.40 13.81 -8.91
C LEU A 10 9.22 12.80 -7.78
N ALA A 11 9.84 13.11 -6.63
CA ALA A 11 9.74 12.31 -5.43
C ALA A 11 9.30 13.18 -4.25
N HIS A 12 8.00 13.54 -4.23
CA HIS A 12 7.38 14.31 -3.15
C HIS A 12 5.88 14.03 -3.14
N SER A 13 5.33 13.77 -1.95
CA SER A 13 3.93 13.37 -1.84
C SER A 13 2.96 14.54 -1.99
N GLU A 14 3.42 15.78 -1.80
CA GLU A 14 2.50 16.90 -1.61
C GLU A 14 2.51 17.84 -2.81
N ARG A 15 1.31 18.14 -3.31
CA ARG A 15 1.10 19.07 -4.42
C ARG A 15 1.34 20.50 -3.96
N THR A 16 1.29 20.73 -2.64
CA THR A 16 1.50 22.04 -2.06
C THR A 16 2.97 22.34 -1.79
N SER A 17 3.87 21.42 -2.15
CA SER A 17 5.28 21.53 -1.80
C SER A 17 6.01 22.43 -2.81
N PHE A 18 7.15 22.99 -2.39
CA PHE A 18 8.00 23.72 -3.33
C PHE A 18 8.57 22.78 -4.40
N ASN A 19 8.85 21.53 -4.04
CA ASN A 19 9.29 20.52 -5.00
C ASN A 19 8.30 20.40 -6.15
N TYR A 20 6.99 20.36 -5.83
CA TYR A 20 5.96 20.29 -6.85
C TYR A 20 5.94 21.56 -7.68
N ALA A 21 6.16 22.72 -7.04
CA ALA A 21 6.18 23.98 -7.78
C ALA A 21 7.33 23.98 -8.80
N MET A 22 8.49 23.44 -8.39
CA MET A 22 9.67 23.38 -9.23
C MET A 22 9.42 22.49 -10.45
N LYS A 23 8.73 21.37 -10.24
CA LYS A 23 8.40 20.47 -11.31
C LYS A 23 7.50 21.17 -12.34
N GLU A 24 6.47 21.87 -11.83
CA GLU A 24 5.52 22.60 -12.67
C GLU A 24 6.23 23.68 -13.47
N ALA A 25 7.11 24.44 -12.81
CA ALA A 25 7.92 25.45 -13.48
C ALA A 25 8.73 24.83 -14.61
N ALA A 26 9.30 23.64 -14.38
CA ALA A 26 10.14 22.99 -15.37
C ALA A 26 9.30 22.55 -16.55
N ALA A 27 8.14 21.97 -16.28
CA ALA A 27 7.25 21.51 -17.34
C ALA A 27 6.87 22.69 -18.23
N ALA A 28 6.39 23.78 -17.59
CA ALA A 28 5.95 24.97 -18.30
C ALA A 28 7.04 25.54 -19.19
N ALA A 29 8.25 25.71 -18.64
CA ALA A 29 9.33 26.34 -19.37
C ALA A 29 9.75 25.50 -20.58
N LEU A 30 9.74 24.17 -20.43
CA LEU A 30 10.23 23.27 -21.46
C LEU A 30 9.21 23.19 -22.60
N LYS A 31 7.93 23.08 -22.26
CA LYS A 31 6.87 23.05 -23.25
C LYS A 31 6.87 24.32 -24.11
N LYS A 32 7.09 25.47 -23.46
CA LYS A 32 7.08 26.77 -24.12
C LYS A 32 8.20 26.83 -25.17
N LYS A 33 9.30 26.11 -24.95
CA LYS A 33 10.37 26.05 -25.92
C LYS A 33 10.19 24.83 -26.84
N GLY A 34 9.04 24.15 -26.75
CA GLY A 34 8.65 23.15 -27.74
C GLY A 34 9.12 21.73 -27.42
N TRP A 35 9.53 21.46 -26.17
CA TRP A 35 9.85 20.12 -25.70
C TRP A 35 8.56 19.31 -25.50
N GLU A 36 8.61 18.00 -25.79
CA GLU A 36 7.63 17.07 -25.26
C GLU A 36 8.03 16.68 -23.82
N VAL A 37 7.09 16.71 -22.88
CA VAL A 37 7.42 16.47 -21.49
C VAL A 37 6.57 15.33 -20.96
N VAL A 38 7.26 14.32 -20.41
CA VAL A 38 6.63 13.19 -19.73
C VAL A 38 7.03 13.26 -18.25
N GLU A 39 6.15 12.75 -17.38
CA GLU A 39 6.38 12.79 -15.95
C GLU A 39 6.37 11.37 -15.37
N SER A 40 7.18 11.18 -14.34
CA SER A 40 7.02 10.08 -13.41
C SER A 40 6.93 10.68 -12.02
N ASP A 41 5.70 10.97 -11.61
CA ASP A 41 5.42 11.47 -10.29
C ASP A 41 5.21 10.27 -9.38
N LEU A 42 6.25 9.86 -8.65
CA LEU A 42 6.33 8.52 -8.09
C LEU A 42 5.26 8.31 -7.02
N TYR A 43 4.97 9.32 -6.20
CA TYR A 43 3.93 9.21 -5.19
C TYR A 43 2.53 9.18 -5.82
N ALA A 44 2.29 10.00 -6.83
CA ALA A 44 1.00 9.99 -7.51
C ALA A 44 0.76 8.65 -8.20
N MET A 45 1.82 7.99 -8.65
CA MET A 45 1.73 6.68 -9.30
C MET A 45 1.63 5.53 -8.28
N ASN A 46 1.83 5.81 -6.98
CA ASN A 46 1.97 4.78 -5.96
C ASN A 46 3.02 3.76 -6.40
N PHE A 47 4.18 4.25 -6.83
CA PHE A 47 5.21 3.39 -7.36
C PHE A 47 5.76 2.44 -6.29
N ASN A 48 5.90 1.18 -6.65
CA ASN A 48 6.45 0.18 -5.75
C ASN A 48 7.96 0.27 -5.78
N PRO A 49 8.63 0.64 -4.68
CA PRO A 49 10.08 0.84 -4.71
C PRO A 49 10.90 -0.36 -4.29
N ILE A 50 10.23 -1.52 -4.09
CA ILE A 50 10.91 -2.67 -3.53
C ILE A 50 11.17 -3.74 -4.60
N ILE A 51 12.44 -4.05 -4.82
CA ILE A 51 12.83 -5.18 -5.67
C ILE A 51 12.35 -6.50 -5.03
N SER A 52 11.83 -7.40 -5.88
CA SER A 52 11.42 -8.74 -5.47
C SER A 52 11.26 -9.65 -6.68
N ARG A 53 11.00 -10.93 -6.38
CA ARG A 53 10.67 -11.95 -7.36
C ARG A 53 9.52 -11.52 -8.27
N LYS A 54 8.54 -10.78 -7.73
CA LYS A 54 7.37 -10.39 -8.49
C LYS A 54 7.70 -9.40 -9.60
N ASP A 55 8.94 -8.93 -9.70
CA ASP A 55 9.35 -8.09 -10.81
C ASP A 55 9.52 -8.93 -12.08
N ILE A 56 9.66 -10.26 -11.92
CA ILE A 56 9.72 -11.19 -13.05
C ILE A 56 8.40 -11.95 -13.13
N THR A 57 7.68 -11.80 -14.25
CA THR A 57 6.33 -12.35 -14.42
C THR A 57 6.40 -13.71 -15.11
N GLY A 58 7.50 -13.99 -15.79
CA GLY A 58 7.73 -15.30 -16.37
C GLY A 58 8.31 -16.31 -15.37
N LYS A 59 9.19 -17.17 -15.89
CA LYS A 59 9.70 -18.34 -15.18
C LYS A 59 11.10 -18.03 -14.68
N LEU A 60 11.35 -18.27 -13.38
CA LEU A 60 12.68 -18.03 -12.85
C LEU A 60 13.65 -19.05 -13.42
N LYS A 61 14.88 -18.64 -13.75
CA LYS A 61 15.93 -19.57 -14.11
C LYS A 61 16.24 -20.48 -12.92
N ASP A 62 16.32 -19.93 -11.70
CA ASP A 62 16.66 -20.72 -10.52
C ASP A 62 15.90 -20.20 -9.31
N PRO A 63 14.67 -20.70 -9.07
CA PRO A 63 13.86 -20.26 -7.93
C PRO A 63 14.41 -20.67 -6.57
N ALA A 64 15.34 -21.62 -6.54
CA ALA A 64 15.92 -22.12 -5.30
C ALA A 64 17.02 -21.21 -4.80
N ASN A 65 17.78 -20.61 -5.75
CA ASN A 65 18.85 -19.67 -5.42
C ASN A 65 18.60 -18.40 -6.24
N PHE A 66 17.65 -17.58 -5.77
CA PHE A 66 17.18 -16.42 -6.53
C PHE A 66 18.18 -15.29 -6.41
N GLN A 67 18.64 -14.77 -7.56
CA GLN A 67 19.55 -13.65 -7.57
C GLN A 67 19.02 -12.59 -8.52
N TYR A 68 18.64 -11.45 -7.94
CA TYR A 68 17.89 -10.41 -8.66
C TYR A 68 18.66 -9.94 -9.89
N PRO A 69 19.99 -9.69 -9.82
CA PRO A 69 20.70 -9.14 -10.98
C PRO A 69 20.66 -10.05 -12.22
N ALA A 70 20.83 -11.36 -12.02
CA ALA A 70 20.82 -12.32 -13.10
C ALA A 70 19.42 -12.51 -13.65
N GLU A 71 18.44 -12.67 -12.75
CA GLU A 71 17.06 -12.93 -13.15
C GLU A 71 16.44 -11.73 -13.85
N SER A 72 16.72 -10.51 -13.34
CA SER A 72 16.17 -9.29 -13.91
C SER A 72 16.67 -9.09 -15.33
N VAL A 73 17.95 -9.38 -15.55
CA VAL A 73 18.57 -9.25 -16.86
C VAL A 73 17.91 -10.24 -17.84
N LEU A 74 17.78 -11.51 -17.45
CA LEU A 74 17.15 -12.46 -18.35
C LEU A 74 15.76 -11.99 -18.72
N ALA A 75 14.98 -11.60 -17.70
CA ALA A 75 13.63 -11.12 -17.90
C ALA A 75 13.59 -9.90 -18.83
N TYR A 76 14.59 -9.03 -18.76
CA TYR A 76 14.63 -7.88 -19.65
C TYR A 76 14.79 -8.34 -21.11
N LYS A 77 15.71 -9.29 -21.34
CA LYS A 77 16.00 -9.78 -22.68
C LYS A 77 14.80 -10.57 -23.24
N GLU A 78 14.16 -11.41 -22.43
CA GLU A 78 13.07 -12.26 -22.90
C GLU A 78 11.70 -11.57 -22.79
N GLY A 79 11.66 -10.33 -22.28
CA GLY A 79 10.45 -9.53 -22.25
C GLY A 79 9.40 -9.94 -21.20
N HIS A 80 9.81 -10.43 -20.03
N HIS A 80 9.81 -10.43 -20.03
CA HIS A 80 8.83 -10.72 -18.98
CA HIS A 80 8.82 -10.72 -18.99
C HIS A 80 9.09 -9.93 -17.71
C HIS A 80 9.08 -9.93 -17.71
N LEU A 81 9.48 -8.65 -17.85
CA LEU A 81 9.57 -7.74 -16.71
C LEU A 81 8.18 -7.25 -16.37
N SER A 82 7.92 -7.04 -15.08
CA SER A 82 6.68 -6.41 -14.63
C SER A 82 6.41 -5.16 -15.46
N PRO A 83 5.19 -4.95 -15.96
CA PRO A 83 4.91 -3.82 -16.87
C PRO A 83 5.05 -2.42 -16.29
N ASP A 84 4.96 -2.26 -14.96
CA ASP A 84 5.25 -0.98 -14.33
C ASP A 84 6.72 -0.59 -14.57
N ILE A 85 7.63 -1.57 -14.50
CA ILE A 85 9.03 -1.36 -14.81
C ILE A 85 9.19 -0.96 -16.27
N VAL A 86 8.53 -1.70 -17.16
CA VAL A 86 8.76 -1.51 -18.59
C VAL A 86 8.26 -0.12 -19.02
N ALA A 87 7.13 0.32 -18.48
CA ALA A 87 6.61 1.63 -18.80
C ALA A 87 7.62 2.72 -18.43
N GLU A 88 8.31 2.56 -17.30
CA GLU A 88 9.32 3.55 -16.91
C GLU A 88 10.52 3.45 -17.86
N GLN A 89 10.92 2.23 -18.21
CA GLN A 89 12.04 2.04 -19.12
C GLN A 89 11.78 2.72 -20.47
N LYS A 90 10.54 2.67 -20.97
CA LYS A 90 10.17 3.25 -22.25
C LYS A 90 10.27 4.77 -22.20
N LYS A 91 9.92 5.38 -21.05
CA LYS A 91 9.99 6.82 -20.90
C LYS A 91 11.44 7.27 -20.98
N LEU A 92 12.31 6.51 -20.33
CA LEU A 92 13.74 6.75 -20.34
C LEU A 92 14.31 6.63 -21.76
N GLU A 93 13.97 5.54 -22.48
CA GLU A 93 14.47 5.30 -23.81
C GLU A 93 14.17 6.50 -24.69
N ALA A 94 12.94 7.04 -24.59
CA ALA A 94 12.48 8.11 -25.44
C ALA A 94 13.10 9.46 -25.08
N ALA A 95 13.55 9.63 -23.83
CA ALA A 95 13.90 10.94 -23.31
C ALA A 95 15.32 11.31 -23.66
N ASP A 96 15.51 12.59 -23.99
CA ASP A 96 16.83 13.17 -24.21
C ASP A 96 17.39 13.75 -22.92
N LEU A 97 16.51 14.37 -22.12
CA LEU A 97 16.89 15.04 -20.90
C LEU A 97 16.06 14.45 -19.76
N VAL A 98 16.72 14.13 -18.63
CA VAL A 98 16.04 13.64 -17.45
C VAL A 98 16.34 14.62 -16.31
N ILE A 99 15.28 15.14 -15.69
CA ILE A 99 15.38 15.96 -14.50
C ILE A 99 14.83 15.18 -13.32
N PHE A 100 15.61 15.14 -12.24
CA PHE A 100 15.20 14.54 -10.98
C PHE A 100 14.96 15.67 -9.98
N GLN A 101 13.70 15.82 -9.55
CA GLN A 101 13.30 16.82 -8.58
C GLN A 101 12.97 16.12 -7.27
N PHE A 102 13.71 16.42 -6.19
CA PHE A 102 13.44 15.79 -4.92
C PHE A 102 14.01 16.60 -3.76
N PRO A 103 13.48 16.44 -2.54
CA PRO A 103 14.14 16.93 -1.34
C PRO A 103 15.26 16.01 -0.84
N LEU A 104 16.35 16.62 -0.36
CA LEU A 104 17.41 15.87 0.28
C LEU A 104 16.83 15.22 1.53
N GLN A 105 16.98 13.90 1.63
CA GLN A 105 16.51 13.18 2.80
C GLN A 105 17.64 12.27 3.25
N TRP A 106 18.12 12.52 4.47
CA TRP A 106 19.24 11.78 5.01
C TRP A 106 20.39 11.68 4.01
N PHE A 107 20.79 12.84 3.48
CA PHE A 107 22.01 13.00 2.69
C PHE A 107 21.91 12.19 1.40
N GLY A 108 20.69 12.03 0.89
CA GLY A 108 20.53 11.41 -0.42
C GLY A 108 19.11 11.45 -0.95
N VAL A 109 18.82 10.52 -1.86
CA VAL A 109 17.54 10.49 -2.52
C VAL A 109 16.51 9.84 -1.59
N PRO A 110 15.24 10.27 -1.67
CA PRO A 110 14.15 9.58 -0.99
C PRO A 110 14.08 8.09 -1.35
N ALA A 111 13.63 7.28 -0.39
CA ALA A 111 13.57 5.84 -0.58
C ALA A 111 12.82 5.47 -1.86
N ILE A 112 11.71 6.16 -2.15
CA ILE A 112 10.87 5.84 -3.29
C ILE A 112 11.65 6.05 -4.59
N LEU A 113 12.54 7.05 -4.64
CA LEU A 113 13.35 7.28 -5.83
C LEU A 113 14.53 6.29 -5.86
N LYS A 114 15.10 5.97 -4.71
CA LYS A 114 16.13 4.94 -4.64
C LYS A 114 15.63 3.62 -5.26
N GLY A 115 14.38 3.27 -4.95
CA GLY A 115 13.77 2.04 -5.42
C GLY A 115 13.51 2.08 -6.93
N TRP A 116 13.19 3.28 -7.42
CA TRP A 116 12.99 3.46 -8.85
C TRP A 116 14.29 3.11 -9.58
N PHE A 117 15.41 3.60 -9.08
CA PHE A 117 16.70 3.24 -9.65
C PHE A 117 16.91 1.73 -9.60
N GLU A 118 16.58 1.10 -8.46
CA GLU A 118 16.86 -0.31 -8.26
C GLU A 118 15.99 -1.18 -9.17
N ARG A 119 14.74 -0.77 -9.43
CA ARG A 119 13.82 -1.58 -10.23
C ARG A 119 13.94 -1.26 -11.73
N VAL A 120 14.33 -0.03 -12.08
CA VAL A 120 14.26 0.42 -13.46
C VAL A 120 15.61 0.28 -14.14
N PHE A 121 16.72 0.56 -13.43
CA PHE A 121 18.03 0.55 -14.03
C PHE A 121 18.59 -0.88 -13.98
N ILE A 122 18.06 -1.71 -14.88
CA ILE A 122 18.37 -3.13 -14.95
C ILE A 122 19.62 -3.32 -15.82
N GLY A 123 20.43 -4.34 -15.51
CA GLY A 123 21.55 -4.71 -16.36
C GLY A 123 21.12 -4.86 -17.82
N GLU A 124 22.02 -4.48 -18.74
CA GLU A 124 21.82 -4.56 -20.19
C GLU A 124 20.99 -3.39 -20.69
N PHE A 125 19.94 -3.03 -19.96
CA PHE A 125 19.16 -1.87 -20.32
C PHE A 125 19.95 -0.60 -20.02
N ALA A 126 20.54 -0.50 -18.83
CA ALA A 126 21.07 0.76 -18.33
C ALA A 126 22.58 0.72 -18.15
N TYR A 127 23.18 -0.48 -18.14
CA TYR A 127 24.63 -0.61 -17.97
C TYR A 127 25.02 -2.02 -18.40
N THR A 128 26.29 -2.20 -18.82
CA THR A 128 26.93 -3.51 -18.85
C THR A 128 28.33 -3.36 -18.27
N TYR A 129 28.98 -4.50 -18.02
CA TYR A 129 30.33 -4.48 -17.50
C TYR A 129 31.30 -4.04 -18.60
N ALA A 130 30.92 -4.21 -19.88
CA ALA A 130 31.69 -3.71 -21.01
C ALA A 130 31.42 -2.23 -21.28
N ALA A 131 30.21 -1.74 -21.02
CA ALA A 131 29.81 -0.37 -21.35
C ALA A 131 29.48 0.40 -20.06
N MET A 132 30.54 0.90 -19.42
CA MET A 132 30.41 1.62 -18.16
C MET A 132 30.74 3.08 -18.40
N TYR A 133 30.26 3.94 -17.49
CA TYR A 133 30.67 5.32 -17.46
C TYR A 133 30.48 5.91 -18.87
N ASP A 134 31.49 6.57 -19.43
CA ASP A 134 31.28 7.36 -20.63
C ASP A 134 30.94 6.49 -21.85
N LYS A 135 31.09 5.16 -21.75
CA LYS A 135 30.73 4.25 -22.83
C LYS A 135 29.34 3.64 -22.60
N GLY A 136 28.61 4.13 -21.60
CA GLY A 136 27.35 3.53 -21.21
C GLY A 136 26.22 3.82 -22.19
N PRO A 137 25.11 3.06 -22.10
CA PRO A 137 23.98 3.21 -23.00
C PRO A 137 23.33 4.58 -23.08
N PHE A 138 23.41 5.38 -22.02
CA PHE A 138 22.70 6.64 -21.99
C PHE A 138 23.62 7.81 -22.32
N ARG A 139 24.70 7.54 -23.07
CA ARG A 139 25.71 8.56 -23.35
C ARG A 139 25.19 9.70 -24.24
N SER A 140 24.02 9.54 -24.88
CA SER A 140 23.42 10.57 -25.70
C SER A 140 22.47 11.44 -24.91
N LYS A 141 22.24 11.06 -23.64
CA LYS A 141 21.25 11.73 -22.82
C LYS A 141 21.94 12.60 -21.77
N LYS A 142 21.18 13.59 -21.28
CA LYS A 142 21.66 14.46 -20.22
C LYS A 142 20.74 14.34 -19.00
N ALA A 143 21.34 14.40 -17.80
CA ALA A 143 20.60 14.32 -16.55
C ALA A 143 20.97 15.48 -15.64
N VAL A 144 20.02 15.93 -14.81
CA VAL A 144 20.30 17.00 -13.85
C VAL A 144 19.50 16.70 -12.58
N LEU A 145 20.16 16.86 -11.42
CA LEU A 145 19.48 16.80 -10.13
C LEU A 145 19.04 18.21 -9.75
N SER A 146 17.79 18.32 -9.29
CA SER A 146 17.29 19.52 -8.66
C SER A 146 16.86 19.16 -7.24
N ILE A 147 17.60 19.68 -6.27
CA ILE A 147 17.54 19.28 -4.88
C ILE A 147 17.15 20.47 -4.01
N THR A 148 16.24 20.23 -3.04
CA THR A 148 15.93 21.19 -2.00
C THR A 148 16.41 20.63 -0.67
N THR A 149 16.89 21.52 0.21
CA THR A 149 17.36 21.14 1.53
C THR A 149 16.65 21.99 2.57
N GLY A 150 16.58 21.45 3.79
CA GLY A 150 16.15 22.18 4.97
C GLY A 150 17.29 23.03 5.54
N GLY A 151 18.50 22.47 5.56
CA GLY A 151 19.65 23.16 6.10
C GLY A 151 20.20 24.21 5.12
N SER A 152 20.99 25.14 5.65
CA SER A 152 21.50 26.28 4.88
C SER A 152 22.77 25.88 4.13
N GLY A 153 23.14 26.69 3.14
CA GLY A 153 24.28 26.40 2.29
C GLY A 153 25.59 26.37 3.08
N SER A 154 25.67 27.20 4.12
CA SER A 154 26.86 27.27 4.94
C SER A 154 27.14 25.91 5.59
N MET A 155 26.08 25.15 5.91
CA MET A 155 26.23 23.88 6.61
C MET A 155 26.88 22.85 5.70
N TYR A 156 26.80 23.07 4.38
CA TYR A 156 27.34 22.16 3.39
C TYR A 156 28.49 22.78 2.61
N SER A 157 29.08 23.85 3.17
CA SER A 157 30.31 24.42 2.63
C SER A 157 31.48 23.59 3.13
N LEU A 158 32.72 23.92 2.70
CA LEU A 158 33.89 23.16 3.10
C LEU A 158 34.05 23.21 4.62
N GLN A 159 33.62 24.31 5.25
CA GLN A 159 33.83 24.54 6.68
C GLN A 159 32.54 24.34 7.47
N GLY A 160 31.47 23.89 6.82
CA GLY A 160 30.21 23.65 7.51
C GLY A 160 30.19 22.32 8.26
N ILE A 161 29.30 22.24 9.25
CA ILE A 161 29.18 21.09 10.12
C ILE A 161 28.94 19.81 9.32
N HIS A 162 28.15 19.86 8.22
CA HIS A 162 27.80 18.66 7.49
C HIS A 162 28.89 18.24 6.51
N GLY A 163 29.74 19.19 6.10
CA GLY A 163 30.83 18.89 5.20
C GLY A 163 30.42 19.18 3.76
N ASP A 164 31.38 18.95 2.85
CA ASP A 164 31.30 19.39 1.47
C ASP A 164 30.14 18.67 0.78
N MET A 165 29.26 19.47 0.16
CA MET A 165 28.13 18.95 -0.59
C MET A 165 28.60 18.09 -1.77
N ASN A 166 29.80 18.40 -2.30
CA ASN A 166 30.37 17.69 -3.43
C ASN A 166 30.50 16.19 -3.13
N VAL A 167 30.80 15.86 -1.86
CA VAL A 167 31.00 14.47 -1.46
C VAL A 167 29.64 13.77 -1.38
N ILE A 168 28.61 14.51 -0.95
CA ILE A 168 27.28 13.96 -0.79
C ILE A 168 26.68 13.59 -2.15
N LEU A 169 26.95 14.40 -3.18
CA LEU A 169 26.36 14.21 -4.50
C LEU A 169 27.07 13.11 -5.30
N TRP A 170 28.33 12.82 -4.96
CA TRP A 170 29.19 11.97 -5.77
C TRP A 170 28.56 10.59 -5.97
N PRO A 171 28.09 9.89 -4.92
CA PRO A 171 27.54 8.54 -5.09
C PRO A 171 26.38 8.54 -6.07
N ILE A 172 25.61 9.63 -6.09
CA ILE A 172 24.46 9.71 -6.97
C ILE A 172 24.91 10.04 -8.40
N GLN A 173 25.69 11.11 -8.56
CA GLN A 173 25.99 11.64 -9.88
C GLN A 173 27.00 10.75 -10.61
N SER A 174 28.01 10.23 -9.90
CA SER A 174 28.96 9.30 -10.51
C SER A 174 28.40 7.89 -10.54
N GLY A 175 27.98 7.39 -9.36
CA GLY A 175 27.71 5.99 -9.12
C GLY A 175 26.42 5.51 -9.78
N ILE A 176 25.42 6.39 -9.94
CA ILE A 176 24.18 6.00 -10.57
C ILE A 176 24.14 6.53 -12.00
N LEU A 177 24.24 7.86 -12.17
CA LEU A 177 23.88 8.48 -13.43
C LEU A 177 25.02 8.32 -14.44
N HIS A 178 26.23 8.75 -14.09
CA HIS A 178 27.34 8.69 -15.03
C HIS A 178 27.73 7.24 -15.33
N PHE A 179 27.59 6.35 -14.34
CA PHE A 179 27.82 4.93 -14.52
C PHE A 179 27.02 4.36 -15.70
N CYS A 180 25.80 4.86 -15.94
CA CYS A 180 24.96 4.39 -17.02
C CYS A 180 25.21 5.18 -18.32
N GLY A 181 26.11 6.17 -18.27
CA GLY A 181 26.46 6.93 -19.47
C GLY A 181 25.97 8.38 -19.49
N PHE A 182 25.05 8.76 -18.59
CA PHE A 182 24.50 10.10 -18.64
C PHE A 182 25.62 11.13 -18.60
N GLN A 183 25.48 12.14 -19.45
CA GLN A 183 26.14 13.42 -19.22
C GLN A 183 25.41 14.08 -18.05
N VAL A 184 26.14 14.45 -17.01
CA VAL A 184 25.50 15.03 -15.85
C VAL A 184 25.78 16.52 -15.84
N LEU A 185 24.71 17.33 -15.74
CA LEU A 185 24.82 18.77 -15.72
C LEU A 185 24.91 19.26 -14.28
N GLU A 186 25.26 20.53 -14.12
CA GLU A 186 25.38 21.16 -12.82
C GLU A 186 24.08 20.98 -12.06
N PRO A 187 24.12 20.49 -10.82
CA PRO A 187 22.90 20.36 -10.01
C PRO A 187 22.32 21.75 -9.70
N GLN A 188 20.99 21.80 -9.62
CA GLN A 188 20.26 22.93 -9.09
C GLN A 188 20.05 22.71 -7.58
N LEU A 189 20.75 23.50 -6.76
CA LEU A 189 20.71 23.33 -5.32
C LEU A 189 19.94 24.49 -4.70
N THR A 190 18.84 24.18 -4.00
CA THR A 190 17.99 25.19 -3.38
C THR A 190 17.98 24.98 -1.87
N TYR A 191 18.81 25.76 -1.18
CA TYR A 191 19.05 25.57 0.24
C TYR A 191 18.00 26.30 1.08
N SER A 192 17.79 25.78 2.28
CA SER A 192 16.94 26.34 3.31
C SER A 192 15.66 26.94 2.72
N ILE A 193 14.92 26.12 1.97
CA ILE A 193 13.74 26.59 1.25
C ILE A 193 12.62 26.97 2.22
N GLY A 194 12.60 26.32 3.39
CA GLY A 194 11.54 26.57 4.36
C GLY A 194 11.66 27.94 5.06
N HIS A 195 12.86 28.51 5.06
CA HIS A 195 13.17 29.78 5.69
C HIS A 195 13.56 30.78 4.61
N THR A 196 13.00 30.61 3.41
CA THR A 196 13.21 31.56 2.34
C THR A 196 11.92 32.39 2.23
N PRO A 197 12.00 33.74 2.26
CA PRO A 197 10.81 34.57 2.06
C PRO A 197 10.20 34.44 0.65
N ALA A 198 8.89 34.68 0.58
CA ALA A 198 8.08 34.41 -0.59
C ALA A 198 8.68 35.00 -1.87
N ASP A 199 9.15 36.24 -1.79
CA ASP A 199 9.59 36.95 -2.98
C ASP A 199 10.85 36.28 -3.54
N ALA A 200 11.72 35.77 -2.66
CA ALA A 200 12.91 35.02 -3.06
C ALA A 200 12.53 33.69 -3.70
N ARG A 201 11.56 33.00 -3.10
CA ARG A 201 11.06 31.75 -3.65
C ARG A 201 10.65 31.98 -5.11
N ILE A 202 9.96 33.10 -5.36
CA ILE A 202 9.47 33.39 -6.71
C ILE A 202 10.65 33.60 -7.67
N GLN A 203 11.70 34.28 -7.21
CA GLN A 203 12.88 34.48 -8.03
C GLN A 203 13.53 33.14 -8.35
N ILE A 204 13.55 32.20 -7.38
CA ILE A 204 14.18 30.91 -7.57
C ILE A 204 13.48 30.16 -8.70
N LEU A 205 12.15 30.13 -8.69
CA LEU A 205 11.40 29.51 -9.77
C LEU A 205 11.73 30.17 -11.11
N GLU A 206 11.82 31.51 -11.11
CA GLU A 206 12.08 32.27 -12.32
C GLU A 206 13.47 31.92 -12.86
N GLY A 207 14.45 31.81 -11.96
CA GLY A 207 15.81 31.43 -12.31
C GLY A 207 15.90 30.01 -12.88
N TRP A 208 15.10 29.11 -12.30
CA TRP A 208 15.04 27.75 -12.77
C TRP A 208 14.51 27.73 -14.20
N LYS A 209 13.44 28.48 -14.45
CA LYS A 209 12.82 28.53 -15.77
C LYS A 209 13.79 29.13 -16.79
N LYS A 210 14.54 30.16 -16.37
CA LYS A 210 15.47 30.83 -17.28
C LYS A 210 16.58 29.84 -17.66
N ARG A 211 17.14 29.12 -16.68
CA ARG A 211 18.17 28.12 -16.94
C ARG A 211 17.69 27.06 -17.93
N LEU A 212 16.44 26.61 -17.81
CA LEU A 212 15.96 25.50 -18.62
C LEU A 212 15.83 25.89 -20.09
N GLU A 213 15.79 27.20 -20.40
CA GLU A 213 15.69 27.66 -21.77
C GLU A 213 16.92 27.27 -22.59
N ASN A 214 18.11 27.13 -21.95
CA ASN A 214 19.33 26.81 -22.67
C ASN A 214 20.04 25.59 -22.10
N ILE A 215 19.32 24.75 -21.36
CA ILE A 215 19.91 23.66 -20.59
C ILE A 215 20.70 22.75 -21.52
N TRP A 216 20.24 22.56 -22.76
CA TRP A 216 20.85 21.59 -23.64
C TRP A 216 22.25 22.02 -24.08
N ASP A 217 22.58 23.32 -23.98
CA ASP A 217 23.84 23.84 -24.47
C ASP A 217 24.93 23.81 -23.40
N GLU A 218 24.57 23.47 -22.15
CA GLU A 218 25.49 23.59 -21.03
C GLU A 218 26.61 22.56 -21.13
N THR A 219 27.76 22.93 -20.57
CA THR A 219 28.86 22.01 -20.39
C THR A 219 28.52 21.08 -19.23
N PRO A 220 28.71 19.76 -19.37
CA PRO A 220 28.55 18.84 -18.23
C PRO A 220 29.69 18.85 -17.22
N LEU A 221 29.46 18.24 -16.06
CA LEU A 221 30.45 18.02 -15.03
C LEU A 221 31.56 17.11 -15.53
N TYR A 222 32.74 17.24 -14.92
CA TYR A 222 33.88 16.41 -15.27
C TYR A 222 33.90 15.15 -14.41
N PHE A 223 33.97 14.01 -15.08
CA PHE A 223 34.35 12.73 -14.50
C PHE A 223 35.56 12.19 -15.25
N ALA A 224 36.43 11.43 -14.56
CA ALA A 224 37.57 10.78 -15.20
C ALA A 224 37.07 9.89 -16.33
N PRO A 225 37.55 10.06 -17.58
CA PRO A 225 37.15 9.18 -18.69
C PRO A 225 37.57 7.72 -18.45
N SER A 226 36.79 6.78 -19.00
CA SER A 226 37.03 5.36 -18.80
C SER A 226 38.35 4.93 -19.44
N SER A 227 38.75 5.67 -20.49
CA SER A 227 39.98 5.42 -21.23
C SER A 227 41.24 5.61 -20.38
N LEU A 228 41.12 6.16 -19.15
CA LEU A 228 42.26 6.24 -18.25
C LEU A 228 42.52 4.91 -17.56
N PHE A 229 41.66 3.90 -17.78
CA PHE A 229 41.65 2.69 -16.98
C PHE A 229 41.82 1.45 -17.86
N ASP A 230 42.40 0.40 -17.25
CA ASP A 230 42.44 -0.91 -17.88
C ASP A 230 41.16 -1.66 -17.50
N LEU A 231 40.21 -1.72 -18.43
CA LEU A 231 38.89 -2.25 -18.16
C LEU A 231 38.90 -3.77 -18.36
N ASN A 232 39.54 -4.51 -17.45
CA ASN A 232 39.47 -5.96 -17.46
C ASN A 232 39.83 -6.51 -16.09
N PHE A 233 39.43 -7.76 -15.84
CA PHE A 233 39.43 -8.34 -14.51
C PHE A 233 40.86 -8.60 -14.04
N GLN A 234 41.79 -8.83 -14.97
CA GLN A 234 43.16 -9.15 -14.60
C GLN A 234 43.89 -7.90 -14.12
N ALA A 235 43.59 -6.74 -14.72
CA ALA A 235 44.20 -5.47 -14.33
C ALA A 235 43.52 -4.91 -13.07
N GLY A 236 42.32 -5.42 -12.75
CA GLY A 236 41.58 -5.02 -11.55
C GLY A 236 40.83 -3.70 -11.73
N PHE A 237 40.64 -3.28 -12.99
CA PHE A 237 40.02 -2.01 -13.34
C PHE A 237 40.74 -0.85 -12.66
N LEU A 238 42.09 -0.96 -12.59
CA LEU A 238 42.93 0.11 -12.09
C LEU A 238 43.28 1.07 -13.23
N MET A 239 43.58 2.30 -12.83
CA MET A 239 44.12 3.33 -13.69
C MET A 239 45.40 2.81 -14.35
N LYS A 240 45.59 3.11 -15.63
CA LYS A 240 46.79 2.73 -16.34
C LYS A 240 48.04 3.32 -15.69
N LYS A 241 49.14 2.56 -15.71
CA LYS A 241 50.43 2.95 -15.13
C LYS A 241 50.91 4.27 -15.72
N GLU A 242 50.81 4.42 -17.05
CA GLU A 242 51.26 5.63 -17.73
C GLU A 242 50.48 6.85 -17.25
N VAL A 243 49.19 6.69 -16.97
CA VAL A 243 48.36 7.81 -16.52
C VAL A 243 48.73 8.14 -15.07
N GLN A 244 49.02 7.11 -14.27
CA GLN A 244 49.50 7.34 -12.92
C GLN A 244 50.79 8.17 -12.93
N ASP A 245 51.70 7.83 -13.85
CA ASP A 245 53.00 8.52 -13.98
C ASP A 245 52.78 9.98 -14.39
N GLU A 246 51.84 10.25 -15.30
CA GLU A 246 51.52 11.62 -15.73
C GLU A 246 50.88 12.44 -14.61
N GLU A 247 50.24 11.81 -13.63
CA GLU A 247 49.50 12.50 -12.59
C GLU A 247 50.34 12.72 -11.33
N LYS A 248 51.44 11.97 -11.21
CA LYS A 248 52.30 11.99 -10.03
C LYS A 248 52.62 13.43 -9.59
N ASN A 249 52.86 14.36 -10.54
CA ASN A 249 53.39 15.68 -10.21
C ASN A 249 52.30 16.73 -9.95
N LYS A 250 51.03 16.40 -10.20
CA LYS A 250 49.97 17.39 -10.12
C LYS A 250 49.50 17.56 -8.68
N LYS A 251 48.99 18.74 -8.36
CA LYS A 251 48.61 19.06 -6.99
C LYS A 251 47.19 18.57 -6.67
N PHE A 252 46.31 18.61 -7.70
CA PHE A 252 44.92 18.24 -7.58
C PHE A 252 44.67 16.86 -8.17
N GLY A 253 43.70 16.13 -7.57
CA GLY A 253 43.17 14.91 -8.14
C GLY A 253 42.27 15.21 -9.34
N LEU A 254 41.63 14.16 -9.87
CA LEU A 254 40.80 14.24 -11.06
C LEU A 254 39.35 14.60 -10.72
N SER A 255 38.85 14.14 -9.57
CA SER A 255 37.44 14.22 -9.20
C SER A 255 37.29 13.92 -7.71
N VAL A 256 36.07 13.99 -7.19
CA VAL A 256 35.81 13.68 -5.79
C VAL A 256 36.20 12.23 -5.49
N GLY A 257 35.76 11.29 -6.34
CA GLY A 257 36.01 9.88 -6.10
C GLY A 257 37.44 9.51 -6.47
N HIS A 258 37.97 10.19 -7.49
CA HIS A 258 39.34 10.00 -7.94
C HIS A 258 40.23 11.12 -7.42
N HIS A 259 40.26 11.29 -6.10
CA HIS A 259 41.05 12.34 -5.46
C HIS A 259 42.53 11.94 -5.41
N LEU A 260 42.80 10.63 -5.52
CA LEU A 260 44.14 10.08 -5.61
C LEU A 260 44.99 10.44 -4.39
N GLY A 261 44.36 10.80 -3.27
CA GLY A 261 45.09 11.16 -2.07
C GLY A 261 45.54 12.62 -2.05
N LYS A 262 45.08 13.40 -3.03
CA LYS A 262 45.49 14.79 -3.18
C LYS A 262 44.26 15.66 -2.97
N SER A 263 44.37 16.95 -3.30
CA SER A 263 43.28 17.88 -3.14
C SER A 263 42.21 17.63 -4.20
N ILE A 264 40.95 17.83 -3.80
CA ILE A 264 39.83 17.61 -4.68
C ILE A 264 39.63 18.87 -5.49
N PRO A 265 39.52 18.80 -6.83
CA PRO A 265 39.32 19.99 -7.63
C PRO A 265 38.06 20.67 -7.11
N THR A 266 38.09 22.01 -7.06
CA THR A 266 37.03 22.77 -6.44
C THR A 266 35.71 22.58 -7.19
N ASP A 267 34.65 22.25 -6.43
CA ASP A 267 33.28 22.15 -6.91
C ASP A 267 33.20 21.20 -8.11
N ASN A 268 33.91 20.07 -8.02
CA ASN A 268 33.94 19.05 -9.04
C ASN A 268 32.53 18.57 -9.37
N GLN A 269 31.64 18.50 -8.38
CA GLN A 269 30.31 17.93 -8.55
C GLN A 269 29.24 18.99 -8.60
N ILE A 270 29.63 20.27 -8.46
CA ILE A 270 28.68 21.38 -8.43
C ILE A 270 28.81 22.30 -9.64
N LYS A 271 30.03 22.50 -10.17
CA LYS A 271 30.28 23.43 -11.27
C LYS A 271 31.04 22.73 -12.39
N ALA A 272 30.59 22.95 -13.63
CA ALA A 272 31.30 22.43 -14.79
C ALA A 272 32.52 23.30 -15.07
N ARG A 273 33.56 22.70 -15.66
CA ARG A 273 34.71 23.41 -16.21
C ARG A 273 34.81 23.11 -17.72
N LYS A 274 35.40 24.02 -18.51
CA LYS A 274 35.21 24.01 -19.97
C LYS A 274 36.53 23.70 -20.71
N GLY B 3 25.15 -8.36 30.01
CA GLY B 3 23.71 -8.13 29.75
C GLY B 3 23.47 -6.96 28.78
N ARG B 4 24.15 -6.98 27.63
CA ARG B 4 24.03 -5.96 26.60
C ARG B 4 23.13 -6.43 25.46
N ARG B 5 22.54 -5.46 24.75
CA ARG B 5 21.55 -5.73 23.71
C ARG B 5 22.08 -5.31 22.35
N ALA B 6 21.90 -6.21 21.36
CA ALA B 6 22.25 -5.92 19.98
C ALA B 6 20.98 -5.93 19.13
N LEU B 7 20.85 -4.96 18.21
CA LEU B 7 19.82 -5.00 17.17
C LEU B 7 20.51 -5.28 15.83
N ILE B 8 20.00 -6.25 15.07
CA ILE B 8 20.54 -6.52 13.74
C ILE B 8 19.47 -6.16 12.71
N VAL B 9 19.81 -5.24 11.82
CA VAL B 9 18.93 -4.84 10.73
C VAL B 9 19.44 -5.46 9.44
N LEU B 10 18.58 -6.27 8.79
CA LEU B 10 18.93 -6.96 7.55
C LEU B 10 18.06 -6.44 6.40
N ALA B 11 18.73 -6.18 5.26
CA ALA B 11 18.06 -5.74 4.05
C ALA B 11 18.45 -6.66 2.89
N HIS B 12 17.90 -7.89 2.91
CA HIS B 12 18.00 -8.84 1.80
C HIS B 12 16.78 -9.77 1.81
N SER B 13 16.18 -9.96 0.65
CA SER B 13 14.93 -10.70 0.52
C SER B 13 15.12 -12.21 0.65
N GLU B 14 16.33 -12.73 0.46
CA GLU B 14 16.50 -14.17 0.25
C GLU B 14 17.23 -14.81 1.44
N ARG B 15 16.63 -15.89 1.96
CA ARG B 15 17.16 -16.64 3.08
C ARG B 15 18.39 -17.46 2.65
N THR B 16 18.55 -17.65 1.33
CA THR B 16 19.66 -18.40 0.77
C THR B 16 20.89 -17.52 0.54
N SER B 17 20.82 -16.23 0.88
CA SER B 17 21.85 -15.27 0.52
C SER B 17 22.98 -15.33 1.54
N PHE B 18 24.17 -14.88 1.13
CA PHE B 18 25.27 -14.70 2.05
C PHE B 18 24.94 -13.62 3.10
N ASN B 19 24.20 -12.56 2.71
CA ASN B 19 23.76 -11.54 3.65
C ASN B 19 23.00 -12.19 4.80
N TYR B 20 22.08 -13.12 4.49
CA TYR B 20 21.35 -13.84 5.52
C TYR B 20 22.28 -14.69 6.38
N ALA B 21 23.30 -15.32 5.77
CA ALA B 21 24.25 -16.11 6.51
C ALA B 21 25.01 -15.25 7.50
N MET B 22 25.39 -14.04 7.07
CA MET B 22 26.15 -13.13 7.91
C MET B 22 25.33 -12.69 9.13
N LYS B 23 24.04 -12.46 8.93
CA LYS B 23 23.16 -12.09 10.01
C LYS B 23 23.09 -13.22 11.04
N GLU B 24 22.90 -14.47 10.56
CA GLU B 24 22.79 -15.65 11.42
C GLU B 24 24.09 -15.85 12.20
N ALA B 25 25.23 -15.72 11.53
CA ALA B 25 26.52 -15.78 12.19
C ALA B 25 26.63 -14.74 13.30
N ALA B 26 26.15 -13.53 13.05
CA ALA B 26 26.24 -12.47 14.02
C ALA B 26 25.36 -12.78 15.23
N ALA B 27 24.14 -13.26 14.99
CA ALA B 27 23.24 -13.58 16.07
C ALA B 27 23.87 -14.66 16.96
N ALA B 28 24.34 -15.73 16.34
CA ALA B 28 24.94 -16.85 17.05
C ALA B 28 26.14 -16.41 17.90
N ALA B 29 27.05 -15.63 17.31
CA ALA B 29 28.27 -15.24 18.01
C ALA B 29 27.96 -14.35 19.21
N LEU B 30 26.95 -13.48 19.07
CA LEU B 30 26.65 -12.51 20.10
C LEU B 30 25.94 -13.20 21.27
N LYS B 31 24.99 -14.10 20.96
CA LYS B 31 24.30 -14.87 21.98
C LYS B 31 25.29 -15.69 22.82
N LYS B 32 26.28 -16.29 22.14
CA LYS B 32 27.25 -17.15 22.78
C LYS B 32 28.07 -16.35 23.80
N LYS B 33 28.23 -15.04 23.57
CA LYS B 33 28.91 -14.18 24.53
C LYS B 33 27.91 -13.53 25.49
N GLY B 34 26.64 -13.95 25.43
CA GLY B 34 25.64 -13.56 26.40
C GLY B 34 24.91 -12.24 26.10
N TRP B 35 24.96 -11.78 24.85
CA TRP B 35 24.16 -10.65 24.37
C TRP B 35 22.71 -11.09 24.20
N GLU B 36 21.76 -10.19 24.45
CA GLU B 36 20.40 -10.32 23.94
C GLU B 36 20.39 -9.79 22.51
N VAL B 37 19.77 -10.53 21.57
CA VAL B 37 19.78 -10.12 20.18
C VAL B 37 18.34 -10.02 19.66
N VAL B 38 18.02 -8.85 19.10
CA VAL B 38 16.78 -8.54 18.43
C VAL B 38 17.06 -8.28 16.95
N GLU B 39 16.08 -8.57 16.11
CA GLU B 39 16.22 -8.48 14.67
C GLU B 39 15.15 -7.59 14.08
N SER B 40 15.53 -6.88 13.02
CA SER B 40 14.57 -6.28 12.10
C SER B 40 14.97 -6.74 10.71
N ASP B 41 14.37 -7.85 10.28
CA ASP B 41 14.57 -8.38 8.95
C ASP B 41 13.51 -7.74 8.05
N LEU B 42 13.89 -6.67 7.35
CA LEU B 42 12.93 -5.71 6.81
C LEU B 42 12.05 -6.36 5.75
N TYR B 43 12.60 -7.28 4.96
CA TYR B 43 11.81 -7.97 3.91
C TYR B 43 10.84 -8.96 4.52
N ALA B 44 11.28 -9.70 5.53
CA ALA B 44 10.43 -10.67 6.17
C ALA B 44 9.28 -9.97 6.89
N MET B 45 9.53 -8.75 7.41
CA MET B 45 8.52 -7.96 8.09
C MET B 45 7.57 -7.26 7.13
N ASN B 46 7.84 -7.29 5.82
CA ASN B 46 7.12 -6.47 4.85
C ASN B 46 7.08 -5.03 5.31
N PHE B 47 8.25 -4.51 5.68
CA PHE B 47 8.32 -3.17 6.23
C PHE B 47 7.98 -2.15 5.15
N ASN B 48 7.14 -1.18 5.50
CA ASN B 48 6.76 -0.14 4.57
C ASN B 48 7.84 0.93 4.59
N PRO B 49 8.57 1.17 3.48
CA PRO B 49 9.65 2.16 3.50
C PRO B 49 9.27 3.58 3.06
N ILE B 50 7.97 3.84 2.87
CA ILE B 50 7.56 5.11 2.31
C ILE B 50 6.95 6.03 3.38
N ILE B 51 7.58 7.19 3.60
CA ILE B 51 6.99 8.24 4.42
C ILE B 51 5.71 8.79 3.76
N SER B 52 4.68 9.00 4.60
CA SER B 52 3.39 9.51 4.14
C SER B 52 2.55 9.98 5.34
N ARG B 53 1.40 10.59 5.03
CA ARG B 53 0.42 11.03 6.01
C ARG B 53 -0.02 9.88 6.90
N LYS B 54 -0.07 8.65 6.36
CA LYS B 54 -0.53 7.50 7.13
C LYS B 54 0.39 7.16 8.31
N ASP B 55 1.56 7.79 8.40
CA ASP B 55 2.46 7.57 9.50
C ASP B 55 1.94 8.29 10.76
N ILE B 56 1.04 9.26 10.59
CA ILE B 56 0.37 9.93 11.70
C ILE B 56 -1.06 9.43 11.79
N THR B 57 -1.42 8.80 12.93
CA THR B 57 -2.74 8.19 13.13
C THR B 57 -3.69 9.18 13.80
N GLY B 58 -3.16 10.21 14.46
CA GLY B 58 -3.97 11.26 15.04
C GLY B 58 -4.35 12.35 14.04
N LYS B 59 -4.49 13.57 14.57
CA LYS B 59 -5.06 14.69 13.86
C LYS B 59 -3.91 15.60 13.41
N LEU B 60 -3.89 15.92 12.10
CA LEU B 60 -2.80 16.67 11.54
C LEU B 60 -2.92 18.11 12.06
N LYS B 61 -1.78 18.73 12.37
CA LYS B 61 -1.77 20.14 12.70
C LYS B 61 -2.27 20.97 11.50
N ASP B 62 -1.80 20.65 10.29
CA ASP B 62 -2.19 21.40 9.10
C ASP B 62 -2.31 20.46 7.90
N PRO B 63 -3.48 19.84 7.69
CA PRO B 63 -3.67 18.90 6.58
C PRO B 63 -3.66 19.55 5.20
N ALA B 64 -3.79 20.88 5.15
CA ALA B 64 -3.80 21.62 3.89
C ALA B 64 -2.38 21.87 3.38
N ASN B 65 -1.44 22.07 4.30
N ASN B 65 -1.45 22.06 4.31
CA ASN B 65 -0.03 22.25 3.97
CA ASN B 65 -0.04 22.26 3.97
C ASN B 65 0.79 21.25 4.78
C ASN B 65 0.79 21.25 4.78
N PHE B 66 0.80 20.00 4.33
CA PHE B 66 1.34 18.89 5.10
C PHE B 66 2.86 18.90 5.03
N GLN B 67 3.54 18.92 6.18
CA GLN B 67 4.99 18.91 6.21
C GLN B 67 5.48 17.81 7.14
N TYR B 68 6.06 16.76 6.57
CA TYR B 68 6.37 15.53 7.29
C TYR B 68 7.27 15.81 8.50
N PRO B 69 8.33 16.64 8.40
CA PRO B 69 9.23 16.84 9.54
C PRO B 69 8.54 17.42 10.78
N ALA B 70 7.67 18.41 10.58
CA ALA B 70 6.95 19.06 11.66
C ALA B 70 5.86 18.13 12.24
N GLU B 71 5.08 17.50 11.35
CA GLU B 71 3.99 16.62 11.73
C GLU B 71 4.52 15.38 12.47
N SER B 72 5.61 14.80 11.97
CA SER B 72 6.14 13.56 12.53
C SER B 72 6.63 13.82 13.95
N VAL B 73 7.28 14.97 14.15
CA VAL B 73 7.79 15.34 15.46
C VAL B 73 6.62 15.55 16.44
N LEU B 74 5.58 16.27 16.04
CA LEU B 74 4.44 16.45 16.93
C LEU B 74 3.88 15.10 17.32
N ALA B 75 3.65 14.25 16.31
CA ALA B 75 3.11 12.91 16.51
C ALA B 75 3.99 12.09 17.45
N TYR B 76 5.32 12.26 17.38
CA TYR B 76 6.21 11.53 18.28
C TYR B 76 5.96 11.98 19.73
N LYS B 77 5.88 13.30 19.95
CA LYS B 77 5.71 13.87 21.28
C LYS B 77 4.33 13.50 21.86
N GLU B 78 3.26 13.58 21.07
CA GLU B 78 1.90 13.36 21.53
C GLU B 78 1.49 11.88 21.43
N GLY B 79 2.36 11.02 20.91
CA GLY B 79 2.13 9.57 20.90
C GLY B 79 1.12 9.06 19.86
N HIS B 80 1.04 9.70 18.67
N HIS B 80 1.06 9.68 18.68
CA HIS B 80 0.17 9.15 17.64
CA HIS B 80 0.15 9.23 17.63
C HIS B 80 0.93 8.77 16.37
C HIS B 80 0.91 8.77 16.37
N LEU B 81 2.14 8.23 16.52
CA LEU B 81 2.88 7.67 15.39
C LEU B 81 2.33 6.29 15.10
N SER B 82 2.33 5.92 13.82
CA SER B 82 1.95 4.58 13.41
C SER B 82 2.72 3.56 14.24
N PRO B 83 2.06 2.51 14.78
CA PRO B 83 2.73 1.57 15.68
C PRO B 83 3.90 0.76 15.12
N ASP B 84 3.94 0.57 13.79
CA ASP B 84 5.08 -0.08 13.15
C ASP B 84 6.34 0.76 13.38
N ILE B 85 6.22 2.08 13.29
CA ILE B 85 7.32 2.98 13.58
C ILE B 85 7.75 2.87 15.03
N VAL B 86 6.77 2.89 15.93
CA VAL B 86 7.08 2.94 17.35
C VAL B 86 7.80 1.67 17.79
N ALA B 87 7.36 0.53 17.26
CA ALA B 87 7.96 -0.74 17.60
C ALA B 87 9.45 -0.74 17.23
N GLU B 88 9.79 -0.15 16.07
CA GLU B 88 11.18 -0.07 15.65
C GLU B 88 11.94 0.89 16.57
N GLN B 89 11.32 2.03 16.91
CA GLN B 89 11.96 2.99 17.80
C GLN B 89 12.33 2.36 19.16
N LYS B 90 11.47 1.47 19.67
CA LYS B 90 11.69 0.85 20.97
C LYS B 90 12.87 -0.11 20.92
N LYS B 91 13.05 -0.79 19.78
CA LYS B 91 14.16 -1.71 19.63
C LYS B 91 15.48 -0.94 19.65
N LEU B 92 15.48 0.21 18.98
CA LEU B 92 16.63 1.09 18.96
C LEU B 92 16.97 1.61 20.35
N GLU B 93 15.95 2.11 21.08
CA GLU B 93 16.14 2.66 22.41
C GLU B 93 16.84 1.64 23.31
N ALA B 94 16.40 0.39 23.23
CA ALA B 94 16.91 -0.66 24.08
C ALA B 94 18.33 -1.11 23.68
N ALA B 95 18.73 -0.91 22.42
CA ALA B 95 19.92 -1.55 21.88
C ALA B 95 21.17 -0.73 22.18
N ASP B 96 22.25 -1.45 22.50
CA ASP B 96 23.55 -0.84 22.72
C ASP B 96 24.36 -0.84 21.43
N LEU B 97 24.23 -1.92 20.65
CA LEU B 97 24.99 -2.13 19.44
C LEU B 97 23.99 -2.39 18.30
N VAL B 98 24.20 -1.70 17.16
CA VAL B 98 23.33 -1.85 16.01
C VAL B 98 24.18 -2.25 14.83
N ILE B 99 23.86 -3.38 14.22
CA ILE B 99 24.55 -3.90 13.06
C ILE B 99 23.60 -3.85 11.87
N PHE B 100 24.07 -3.24 10.77
CA PHE B 100 23.34 -3.13 9.53
C PHE B 100 24.02 -4.05 8.50
N GLN B 101 23.30 -5.10 8.10
CA GLN B 101 23.77 -6.07 7.13
C GLN B 101 23.01 -5.87 5.82
N PHE B 102 23.72 -5.54 4.73
CA PHE B 102 23.05 -5.33 3.45
C PHE B 102 24.04 -5.47 2.30
N PRO B 103 23.55 -5.75 1.07
CA PRO B 103 24.35 -5.56 -0.14
C PRO B 103 24.39 -4.10 -0.61
N LEU B 104 25.57 -3.65 -1.04
CA LEU B 104 25.68 -2.36 -1.69
C LEU B 104 24.82 -2.38 -2.94
N GLN B 105 23.90 -1.42 -3.06
CA GLN B 105 23.06 -1.32 -4.24
C GLN B 105 23.09 0.11 -4.72
N TRP B 106 23.54 0.30 -5.95
CA TRP B 106 23.72 1.62 -6.54
C TRP B 106 24.44 2.55 -5.57
N PHE B 107 25.58 2.08 -5.04
CA PHE B 107 26.52 2.87 -4.27
C PHE B 107 25.88 3.36 -2.97
N GLY B 108 24.93 2.58 -2.43
CA GLY B 108 24.33 2.95 -1.16
C GLY B 108 23.49 1.83 -0.56
N VAL B 109 22.62 2.24 0.36
CA VAL B 109 21.76 1.30 1.05
C VAL B 109 20.58 0.96 0.16
N PRO B 110 20.05 -0.27 0.26
CA PRO B 110 18.81 -0.64 -0.41
C PRO B 110 17.65 0.28 -0.02
N ALA B 111 16.72 0.48 -0.94
CA ALA B 111 15.58 1.35 -0.76
C ALA B 111 14.85 1.05 0.55
N ILE B 112 14.63 -0.24 0.84
CA ILE B 112 13.87 -0.63 2.02
C ILE B 112 14.57 -0.18 3.30
N LEU B 113 15.91 -0.19 3.32
CA LEU B 113 16.66 0.27 4.47
C LEU B 113 16.67 1.81 4.52
N LYS B 114 16.79 2.46 3.36
CA LYS B 114 16.73 3.91 3.30
C LYS B 114 15.42 4.39 3.94
N GLY B 115 14.32 3.70 3.66
CA GLY B 115 13.01 4.09 4.13
C GLY B 115 12.87 3.87 5.64
N TRP B 116 13.53 2.85 6.14
CA TRP B 116 13.54 2.60 7.57
C TRP B 116 14.16 3.79 8.28
N PHE B 117 15.27 4.29 7.76
CA PHE B 117 15.88 5.50 8.32
C PHE B 117 14.90 6.67 8.27
N GLU B 118 14.20 6.82 7.13
CA GLU B 118 13.31 7.95 6.91
C GLU B 118 12.10 7.92 7.84
N ARG B 119 11.58 6.71 8.11
CA ARG B 119 10.38 6.59 8.94
C ARG B 119 10.72 6.50 10.44
N VAL B 120 11.87 5.97 10.79
CA VAL B 120 12.18 5.64 12.18
C VAL B 120 13.01 6.75 12.84
N PHE B 121 13.94 7.36 12.11
CA PHE B 121 14.82 8.38 12.68
C PHE B 121 14.11 9.75 12.61
N ILE B 122 13.11 9.90 13.50
CA ILE B 122 12.26 11.08 13.56
C ILE B 122 12.96 12.14 14.42
N GLY B 123 12.74 13.42 14.09
CA GLY B 123 13.21 14.51 14.93
C GLY B 123 12.78 14.32 16.40
N GLU B 124 13.65 14.76 17.34
CA GLU B 124 13.44 14.65 18.78
C GLU B 124 13.76 13.26 19.30
N PHE B 125 13.36 12.24 18.56
CA PHE B 125 13.74 10.89 18.92
C PHE B 125 15.24 10.66 18.65
N ALA B 126 15.70 11.03 17.44
CA ALA B 126 16.99 10.58 16.94
C ALA B 126 17.99 11.72 16.76
N TYR B 127 17.49 12.97 16.77
CA TYR B 127 18.31 14.15 16.59
C TYR B 127 17.50 15.36 17.01
N THR B 128 18.18 16.42 17.44
CA THR B 128 17.62 17.77 17.50
C THR B 128 18.64 18.73 16.89
N TYR B 129 18.20 19.98 16.72
CA TYR B 129 18.99 21.10 16.27
C TYR B 129 20.18 21.34 17.20
N ALA B 130 19.92 21.15 18.50
CA ALA B 130 20.92 21.35 19.54
C ALA B 130 21.80 20.13 19.72
N ALA B 131 21.26 18.91 19.48
CA ALA B 131 21.99 17.68 19.73
C ALA B 131 22.29 16.93 18.42
N MET B 132 23.36 17.36 17.76
CA MET B 132 23.80 16.78 16.51
C MET B 132 25.15 16.11 16.74
N TYR B 133 25.49 15.17 15.84
CA TYR B 133 26.81 14.59 15.79
C TYR B 133 27.16 14.09 17.18
N ASP B 134 28.33 14.45 17.72
CA ASP B 134 28.82 13.79 18.93
C ASP B 134 27.97 14.12 20.16
N LYS B 135 27.05 15.10 20.05
CA LYS B 135 26.14 15.44 21.14
C LYS B 135 24.76 14.80 20.92
N GLY B 136 24.65 13.90 19.94
CA GLY B 136 23.36 13.34 19.57
C GLY B 136 22.86 12.31 20.58
N PRO B 137 21.55 11.98 20.54
CA PRO B 137 20.93 11.08 21.50
C PRO B 137 21.54 9.68 21.59
N PHE B 138 22.16 9.19 20.49
CA PHE B 138 22.63 7.82 20.47
C PHE B 138 24.12 7.75 20.78
N ARG B 139 24.66 8.73 21.51
CA ARG B 139 26.09 8.81 21.75
C ARG B 139 26.59 7.69 22.67
N SER B 140 25.69 6.94 23.33
CA SER B 140 26.06 5.81 24.16
C SER B 140 26.09 4.51 23.37
N LYS B 141 25.65 4.56 22.11
CA LYS B 141 25.45 3.38 21.30
C LYS B 141 26.53 3.28 20.23
N LYS B 142 26.75 2.07 19.75
CA LYS B 142 27.71 1.83 18.68
C LYS B 142 26.99 1.20 17.49
N ALA B 143 27.42 1.59 16.28
CA ALA B 143 26.85 1.07 15.04
C ALA B 143 27.98 0.55 14.14
N VAL B 144 27.67 -0.47 13.35
CA VAL B 144 28.59 -0.96 12.35
C VAL B 144 27.82 -1.35 11.09
N LEU B 145 28.36 -0.97 9.92
CA LEU B 145 27.88 -1.44 8.64
C LEU B 145 28.63 -2.70 8.26
N SER B 146 27.88 -3.71 7.80
CA SER B 146 28.43 -4.90 7.19
C SER B 146 27.86 -5.01 5.77
N ILE B 147 28.73 -4.83 4.78
CA ILE B 147 28.35 -4.60 3.39
C ILE B 147 28.98 -5.67 2.51
N THR B 148 28.22 -6.15 1.51
CA THR B 148 28.73 -7.00 0.45
C THR B 148 28.64 -6.25 -0.87
N THR B 149 29.63 -6.44 -1.74
CA THR B 149 29.65 -5.89 -3.08
C THR B 149 29.85 -7.01 -4.09
N GLY B 150 29.40 -6.77 -5.32
CA GLY B 150 29.70 -7.61 -6.47
C GLY B 150 31.06 -7.29 -7.06
N GLY B 151 31.46 -6.00 -7.09
CA GLY B 151 32.74 -5.59 -7.62
C GLY B 151 33.88 -5.90 -6.64
N SER B 152 35.11 -5.94 -7.15
CA SER B 152 36.29 -6.27 -6.36
C SER B 152 36.82 -5.03 -5.65
N GLY B 153 37.67 -5.27 -4.63
CA GLY B 153 38.21 -4.20 -3.81
C GLY B 153 39.03 -3.19 -4.63
N SER B 154 39.70 -3.70 -5.66
CA SER B 154 40.53 -2.86 -6.50
C SER B 154 39.69 -1.79 -7.18
N MET B 155 38.42 -2.10 -7.49
CA MET B 155 37.55 -1.18 -8.22
C MET B 155 37.21 0.01 -7.33
N TYR B 156 37.31 -0.16 -6.01
CA TYR B 156 36.98 0.87 -5.05
C TYR B 156 38.21 1.37 -4.29
N SER B 157 39.40 1.11 -4.85
CA SER B 157 40.64 1.65 -4.32
C SER B 157 40.79 3.08 -4.83
N LEU B 158 41.87 3.77 -4.43
CA LEU B 158 42.10 5.15 -4.84
C LEU B 158 42.21 5.23 -6.35
N GLN B 159 42.72 4.16 -6.98
CA GLN B 159 43.01 4.15 -8.42
C GLN B 159 41.99 3.32 -9.19
N GLY B 160 40.94 2.83 -8.51
CA GLY B 160 39.95 2.00 -9.17
C GLY B 160 38.92 2.81 -9.96
N ILE B 161 38.27 2.13 -10.91
CA ILE B 161 37.32 2.75 -11.81
C ILE B 161 36.18 3.42 -11.03
N HIS B 162 35.73 2.84 -9.92
CA HIS B 162 34.59 3.38 -9.17
C HIS B 162 35.00 4.53 -8.26
N GLY B 163 36.27 4.57 -7.86
CA GLY B 163 36.76 5.61 -6.96
C GLY B 163 36.71 5.13 -5.51
N ASP B 164 37.16 6.01 -4.61
CA ASP B 164 37.42 5.68 -3.22
C ASP B 164 36.12 5.26 -2.52
N MET B 165 36.15 4.07 -1.90
CA MET B 165 35.04 3.55 -1.11
C MET B 165 34.75 4.49 0.06
N ASN B 166 35.78 5.19 0.57
CA ASN B 166 35.64 6.07 1.72
C ASN B 166 34.65 7.19 1.42
N VAL B 167 34.59 7.64 0.16
CA VAL B 167 33.68 8.69 -0.23
C VAL B 167 32.25 8.14 -0.28
N ILE B 168 32.11 6.89 -0.72
CA ILE B 168 30.81 6.25 -0.84
C ILE B 168 30.16 6.04 0.54
N LEU B 169 30.96 5.72 1.55
CA LEU B 169 30.45 5.41 2.88
C LEU B 169 30.11 6.67 3.67
N TRP B 170 30.73 7.80 3.32
CA TRP B 170 30.67 9.02 4.11
C TRP B 170 29.23 9.46 4.34
N PRO B 171 28.37 9.58 3.32
CA PRO B 171 27.00 10.05 3.50
C PRO B 171 26.23 9.19 4.50
N ILE B 172 26.55 7.88 4.53
CA ILE B 172 25.85 6.96 5.41
C ILE B 172 26.42 7.07 6.82
N GLN B 173 27.75 6.97 6.95
CA GLN B 173 28.36 6.83 8.27
C GLN B 173 28.40 8.17 8.99
N SER B 174 28.68 9.27 8.28
CA SER B 174 28.61 10.60 8.88
C SER B 174 27.17 11.13 8.94
N GLY B 175 26.50 11.13 7.79
CA GLY B 175 25.26 11.85 7.59
C GLY B 175 24.05 11.19 8.27
N ILE B 176 24.07 9.87 8.42
CA ILE B 176 22.96 9.19 9.05
C ILE B 176 23.33 8.75 10.47
N LEU B 177 24.37 7.94 10.62
CA LEU B 177 24.67 7.31 11.89
C LEU B 177 25.30 8.30 12.88
N HIS B 178 26.41 8.94 12.48
CA HIS B 178 27.11 9.82 13.41
C HIS B 178 26.28 11.08 13.71
N PHE B 179 25.51 11.54 12.72
CA PHE B 179 24.59 12.65 12.93
C PHE B 179 23.66 12.44 14.12
N CYS B 180 23.22 11.20 14.38
CA CYS B 180 22.32 10.90 15.48
C CYS B 180 23.09 10.56 16.75
N GLY B 181 24.44 10.57 16.68
CA GLY B 181 25.28 10.39 17.86
C GLY B 181 26.04 9.06 17.88
N PHE B 182 25.70 8.11 17.00
CA PHE B 182 26.32 6.80 17.07
C PHE B 182 27.83 6.96 17.00
N GLN B 183 28.51 6.19 17.85
CA GLN B 183 29.90 5.85 17.59
C GLN B 183 29.90 4.84 16.46
N VAL B 184 30.68 5.11 15.42
CA VAL B 184 30.69 4.24 14.25
C VAL B 184 31.97 3.44 14.23
N LEU B 185 31.83 2.11 14.14
CA LEU B 185 32.98 1.22 14.11
C LEU B 185 33.38 0.96 12.66
N GLU B 186 34.56 0.40 12.49
CA GLU B 186 35.10 0.09 11.18
C GLU B 186 34.12 -0.80 10.45
N PRO B 187 33.75 -0.45 9.20
CA PRO B 187 32.83 -1.29 8.44
C PRO B 187 33.46 -2.63 8.12
N GLN B 188 32.60 -3.67 8.07
CA GLN B 188 32.95 -4.98 7.55
C GLN B 188 32.62 -5.01 6.05
N LEU B 189 33.66 -5.04 5.22
CA LEU B 189 33.50 -5.00 3.78
C LEU B 189 33.84 -6.37 3.20
N THR B 190 32.87 -6.94 2.48
CA THR B 190 33.04 -8.22 1.83
C THR B 190 32.90 -8.00 0.32
N TYR B 191 34.05 -7.92 -0.36
CA TYR B 191 34.10 -7.63 -1.79
C TYR B 191 33.95 -8.91 -2.60
N SER B 192 33.45 -8.71 -3.82
CA SER B 192 33.34 -9.73 -4.86
C SER B 192 32.88 -11.08 -4.29
N ILE B 193 31.73 -11.00 -3.61
CA ILE B 193 31.13 -12.15 -2.97
C ILE B 193 30.66 -13.16 -4.02
N GLY B 194 30.34 -12.67 -5.22
CA GLY B 194 29.79 -13.51 -6.27
C GLY B 194 30.83 -14.45 -6.90
N HIS B 195 32.12 -14.17 -6.71
CA HIS B 195 33.21 -15.01 -7.27
C HIS B 195 33.94 -15.73 -6.12
N THR B 196 33.29 -15.85 -4.97
CA THR B 196 33.95 -16.42 -3.81
C THR B 196 33.35 -17.81 -3.59
N PRO B 197 34.17 -18.88 -3.59
CA PRO B 197 33.64 -20.23 -3.37
C PRO B 197 33.22 -20.47 -1.92
N ALA B 198 32.36 -21.48 -1.74
CA ALA B 198 31.78 -21.86 -0.46
C ALA B 198 32.80 -21.91 0.68
N ASP B 199 33.97 -22.50 0.44
CA ASP B 199 34.94 -22.72 1.52
C ASP B 199 35.42 -21.36 2.06
N ALA B 200 35.64 -20.43 1.14
CA ALA B 200 36.09 -19.08 1.47
C ALA B 200 34.99 -18.32 2.23
N ARG B 201 33.74 -18.45 1.73
N ARG B 201 33.74 -18.45 1.73
CA ARG B 201 32.61 -17.83 2.39
CA ARG B 201 32.60 -17.84 2.39
C ARG B 201 32.57 -18.27 3.85
C ARG B 201 32.56 -18.28 3.84
N ILE B 202 32.83 -19.56 4.11
CA ILE B 202 32.77 -20.08 5.47
C ILE B 202 33.86 -19.44 6.32
N GLN B 203 35.06 -19.24 5.78
CA GLN B 203 36.10 -18.57 6.53
C GLN B 203 35.71 -17.14 6.87
N ILE B 204 35.06 -16.47 5.91
CA ILE B 204 34.68 -15.07 6.09
C ILE B 204 33.69 -14.95 7.26
N LEU B 205 32.70 -15.84 7.30
CA LEU B 205 31.76 -15.89 8.42
C LEU B 205 32.49 -16.14 9.72
N GLU B 206 33.51 -17.02 9.70
CA GLU B 206 34.26 -17.34 10.91
C GLU B 206 35.00 -16.08 11.39
N GLY B 207 35.60 -15.34 10.45
CA GLY B 207 36.25 -14.06 10.78
C GLY B 207 35.30 -13.00 11.36
N TRP B 208 34.08 -12.97 10.81
CA TRP B 208 33.05 -12.07 11.29
C TRP B 208 32.70 -12.41 12.72
N LYS B 209 32.51 -13.71 13.00
CA LYS B 209 32.16 -14.19 14.33
C LYS B 209 33.27 -13.86 15.31
N LYS B 210 34.52 -14.02 14.87
CA LYS B 210 35.66 -13.79 15.74
C LYS B 210 35.71 -12.30 16.12
N ARG B 211 35.55 -11.42 15.13
CA ARG B 211 35.49 -9.98 15.36
C ARG B 211 34.41 -9.61 16.38
N LEU B 212 33.24 -10.22 16.29
CA LEU B 212 32.11 -9.80 17.11
C LEU B 212 32.32 -10.15 18.57
N GLU B 213 33.26 -11.05 18.89
CA GLU B 213 33.55 -11.41 20.28
C GLU B 213 34.11 -10.22 21.04
N ASN B 214 34.77 -9.27 20.37
CA ASN B 214 35.42 -8.14 21.03
C ASN B 214 34.96 -6.79 20.47
N ILE B 215 33.83 -6.78 19.75
CA ILE B 215 33.42 -5.61 18.98
C ILE B 215 33.29 -4.40 19.90
N TRP B 216 32.83 -4.63 21.13
CA TRP B 216 32.54 -3.52 22.03
C TRP B 216 33.80 -2.79 22.47
N ASP B 217 34.98 -3.42 22.37
CA ASP B 217 36.22 -2.80 22.82
C ASP B 217 36.88 -1.92 21.76
N GLU B 218 36.41 -2.01 20.50
CA GLU B 218 37.13 -1.43 19.37
C GLU B 218 37.07 0.10 19.42
N THR B 219 38.12 0.73 18.90
CA THR B 219 38.12 2.18 18.81
C THR B 219 37.32 2.57 17.56
N PRO B 220 36.40 3.55 17.69
CA PRO B 220 35.61 4.01 16.55
C PRO B 220 36.35 4.89 15.54
N LEU B 221 35.70 5.11 14.40
CA LEU B 221 36.17 5.98 13.35
C LEU B 221 36.21 7.42 13.85
N TYR B 222 37.09 8.24 13.24
CA TYR B 222 37.21 9.63 13.61
C TYR B 222 36.29 10.50 12.74
N PHE B 223 35.49 11.31 13.41
CA PHE B 223 34.78 12.44 12.81
C PHE B 223 35.18 13.72 13.56
N ALA B 224 35.19 14.85 12.85
CA ALA B 224 35.44 16.15 13.46
C ALA B 224 34.47 16.37 14.61
N PRO B 225 34.95 16.67 15.84
CA PRO B 225 34.05 16.98 16.96
C PRO B 225 33.24 18.24 16.70
N SER B 226 32.03 18.29 17.27
CA SER B 226 31.12 19.40 17.07
C SER B 226 31.69 20.68 17.68
N SER B 227 32.53 20.53 18.70
CA SER B 227 33.17 21.63 19.40
C SER B 227 34.10 22.45 18.49
N LEU B 228 34.42 21.97 17.28
CA LEU B 228 35.19 22.77 16.33
C LEU B 228 34.32 23.81 15.62
N PHE B 229 33.01 23.82 15.91
CA PHE B 229 32.05 24.58 15.12
C PHE B 229 31.25 25.54 16.02
N ASP B 230 30.78 26.64 15.42
CA ASP B 230 29.84 27.53 16.07
C ASP B 230 28.42 27.04 15.83
N LEU B 231 27.83 26.41 16.84
CA LEU B 231 26.57 25.71 16.67
C LEU B 231 25.40 26.66 16.89
N ASN B 232 25.19 27.59 15.94
CA ASN B 232 24.00 28.42 15.99
C ASN B 232 23.78 29.06 14.62
N PHE B 233 22.54 29.53 14.40
CA PHE B 233 22.04 29.90 13.09
C PHE B 233 22.77 31.14 12.57
N GLN B 234 23.19 32.02 13.48
CA GLN B 234 23.80 33.29 13.07
C GLN B 234 25.23 33.05 12.57
N ALA B 235 25.95 32.10 13.20
CA ALA B 235 27.30 31.75 12.78
C ALA B 235 27.29 30.85 11.54
N GLY B 236 26.13 30.25 11.23
CA GLY B 236 25.94 29.46 10.02
C GLY B 236 26.51 28.04 10.15
N PHE B 237 26.75 27.60 11.40
CA PHE B 237 27.36 26.31 11.70
C PHE B 237 28.70 26.16 10.97
N LEU B 238 29.46 27.26 10.88
CA LEU B 238 30.80 27.22 10.31
C LEU B 238 31.83 26.85 11.38
N MET B 239 32.96 26.31 10.90
CA MET B 239 34.13 26.03 11.73
C MET B 239 34.61 27.34 12.37
N LYS B 240 34.98 27.29 13.66
CA LYS B 240 35.42 28.48 14.36
C LYS B 240 36.67 29.05 13.70
N LYS B 241 36.80 30.40 13.72
CA LYS B 241 37.93 31.10 13.13
C LYS B 241 39.27 30.61 13.73
N GLU B 242 39.32 30.42 15.05
N GLU B 242 39.31 30.41 15.06
CA GLU B 242 40.54 29.97 15.71
CA GLU B 242 40.50 29.95 15.75
C GLU B 242 40.97 28.59 15.21
C GLU B 242 40.97 28.59 15.22
N VAL B 243 40.00 27.72 14.93
CA VAL B 243 40.29 26.37 14.48
C VAL B 243 40.74 26.44 13.02
N GLN B 244 40.14 27.33 12.23
CA GLN B 244 40.59 27.56 10.87
C GLN B 244 42.05 27.98 10.84
N ASP B 245 42.44 28.89 11.76
CA ASP B 245 43.79 29.41 11.83
C ASP B 245 44.78 28.30 12.20
N GLU B 246 44.39 27.41 13.15
CA GLU B 246 45.23 26.29 13.55
C GLU B 246 45.38 25.24 12.45
N GLU B 247 44.43 25.15 11.51
CA GLU B 247 44.42 24.09 10.50
C GLU B 247 45.08 24.56 9.21
N LYS B 248 45.23 25.88 9.03
CA LYS B 248 45.75 26.47 7.81
C LYS B 248 47.03 25.76 7.34
N ASN B 249 47.94 25.43 8.28
CA ASN B 249 49.28 25.00 7.94
C ASN B 249 49.42 23.47 7.86
N LYS B 250 48.35 22.72 8.14
CA LYS B 250 48.43 21.26 8.11
C LYS B 250 48.28 20.76 6.68
N LYS B 251 48.85 19.59 6.39
CA LYS B 251 48.85 19.02 5.05
C LYS B 251 47.56 18.25 4.79
N PHE B 252 47.00 17.61 5.85
CA PHE B 252 45.83 16.75 5.73
C PHE B 252 44.60 17.46 6.29
N GLY B 253 43.43 17.16 5.71
CA GLY B 253 42.14 17.53 6.28
C GLY B 253 41.80 16.64 7.47
N LEU B 254 40.59 16.82 8.01
CA LEU B 254 40.13 16.18 9.23
C LEU B 254 39.46 14.85 8.92
N SER B 255 38.75 14.79 7.77
CA SER B 255 37.87 13.68 7.43
C SER B 255 37.53 13.79 5.95
N VAL B 256 36.75 12.83 5.44
CA VAL B 256 36.35 12.83 4.04
C VAL B 256 35.51 14.09 3.75
N GLY B 257 34.52 14.38 4.62
CA GLY B 257 33.63 15.50 4.39
C GLY B 257 34.30 16.83 4.74
N HIS B 258 35.20 16.77 5.73
CA HIS B 258 35.95 17.93 6.17
C HIS B 258 37.37 17.84 5.63
N HIS B 259 37.48 17.77 4.30
CA HIS B 259 38.78 17.63 3.66
C HIS B 259 39.48 19.00 3.56
N LEU B 260 38.67 20.08 3.65
CA LEU B 260 39.16 21.45 3.72
C LEU B 260 39.99 21.81 2.48
N GLY B 261 39.83 21.09 1.37
CA GLY B 261 40.56 21.38 0.15
C GLY B 261 41.93 20.74 0.12
N LYS B 262 42.24 19.90 1.12
CA LYS B 262 43.56 19.31 1.27
C LYS B 262 43.41 17.80 1.09
N SER B 263 44.46 17.05 1.44
CA SER B 263 44.47 15.60 1.30
C SER B 263 43.57 14.96 2.37
N ILE B 264 42.88 13.89 1.97
CA ILE B 264 41.96 13.21 2.86
C ILE B 264 42.76 12.20 3.65
N PRO B 265 42.66 12.17 4.99
CA PRO B 265 43.41 11.21 5.79
C PRO B 265 43.09 9.82 5.26
N THR B 266 44.09 8.94 5.20
CA THR B 266 43.92 7.64 4.56
C THR B 266 42.92 6.80 5.35
N ASP B 267 41.96 6.22 4.60
CA ASP B 267 40.96 5.29 5.11
C ASP B 267 40.23 5.88 6.31
N ASN B 268 39.86 7.16 6.21
CA ASN B 268 39.12 7.87 7.25
C ASN B 268 37.82 7.14 7.61
N GLN B 269 37.17 6.52 6.62
CA GLN B 269 35.88 5.89 6.85
C GLN B 269 35.98 4.37 6.93
N ILE B 270 37.18 3.81 6.76
CA ILE B 270 37.37 2.37 6.74
C ILE B 270 38.17 1.86 7.94
N LYS B 271 39.14 2.66 8.43
CA LYS B 271 40.02 2.25 9.52
C LYS B 271 40.01 3.32 10.61
N ALA B 272 39.94 2.89 11.87
CA ALA B 272 40.05 3.82 12.99
C ALA B 272 41.49 4.26 13.17
N ARG B 273 41.71 5.48 13.69
CA ARG B 273 43.05 6.01 13.82
C ARG B 273 43.88 5.21 14.82
N LYS B 274 43.28 4.84 15.97
CA LYS B 274 43.95 4.05 17.00
C LYS B 274 45.34 4.64 17.32
N ALA C 1 -5.00 18.31 -19.88
CA ALA C 1 -4.45 18.39 -18.52
C ALA C 1 -4.26 17.00 -17.94
N MET C 2 -5.35 16.20 -17.90
CA MET C 2 -5.31 14.82 -17.41
C MET C 2 -5.12 13.84 -18.56
N VAL C 3 -4.51 14.31 -19.66
CA VAL C 3 -4.56 13.59 -20.92
C VAL C 3 -3.75 12.30 -20.77
N GLY C 4 -4.38 11.19 -21.17
CA GLY C 4 -3.75 9.88 -21.11
C GLY C 4 -4.20 9.08 -19.91
N ARG C 5 -5.15 9.60 -19.10
CA ARG C 5 -5.73 8.82 -18.02
C ARG C 5 -7.08 8.24 -18.43
N ARG C 6 -7.33 7.00 -17.98
CA ARG C 6 -8.49 6.22 -18.37
C ARG C 6 -9.39 5.97 -17.16
N ALA C 7 -10.71 6.19 -17.34
CA ALA C 7 -11.69 5.88 -16.32
C ALA C 7 -12.63 4.78 -16.84
N LEU C 8 -12.97 3.82 -15.97
CA LEU C 8 -14.03 2.85 -16.23
C LEU C 8 -15.23 3.17 -15.35
N ILE C 9 -16.43 3.24 -15.94
CA ILE C 9 -17.64 3.47 -15.15
C ILE C 9 -18.48 2.21 -15.23
N VAL C 10 -18.75 1.60 -14.07
CA VAL C 10 -19.57 0.42 -13.98
C VAL C 10 -20.93 0.84 -13.40
N LEU C 11 -22.01 0.57 -14.15
CA LEU C 11 -23.35 0.97 -13.78
C LEU C 11 -24.20 -0.28 -13.57
N ALA C 12 -25.00 -0.27 -12.50
CA ALA C 12 -25.89 -1.35 -12.16
C ALA C 12 -27.33 -0.83 -11.95
N HIS C 13 -27.97 -0.43 -13.06
CA HIS C 13 -29.36 0.03 -13.05
C HIS C 13 -29.97 -0.21 -14.43
N SER C 14 -31.17 -0.78 -14.45
CA SER C 14 -31.82 -1.18 -15.69
C SER C 14 -32.41 0.00 -16.47
N GLU C 15 -32.63 1.15 -15.83
CA GLU C 15 -33.46 2.18 -16.44
C GLU C 15 -32.64 3.40 -16.85
N ARG C 16 -32.80 3.83 -18.10
CA ARG C 16 -32.12 4.98 -18.67
C ARG C 16 -32.72 6.26 -18.10
N THR C 17 -33.93 6.16 -17.53
CA THR C 17 -34.62 7.30 -16.95
C THR C 17 -34.24 7.52 -15.49
N SER C 18 -33.32 6.71 -14.94
CA SER C 18 -33.01 6.70 -13.52
C SER C 18 -32.02 7.81 -13.19
N PHE C 19 -31.99 8.21 -11.91
CA PHE C 19 -30.96 9.13 -11.44
C PHE C 19 -29.57 8.49 -11.54
N ASN C 20 -29.48 7.18 -11.31
CA ASN C 20 -28.23 6.45 -11.44
C ASN C 20 -27.66 6.65 -12.84
N TYR C 21 -28.51 6.55 -13.86
CA TYR C 21 -28.09 6.77 -15.24
C TYR C 21 -27.66 8.23 -15.45
N ALA C 22 -28.36 9.17 -14.84
CA ALA C 22 -28.00 10.58 -14.94
C ALA C 22 -26.62 10.83 -14.35
N MET C 23 -26.33 10.17 -13.21
CA MET C 23 -25.05 10.33 -12.54
C MET C 23 -23.91 9.78 -13.41
N LYS C 24 -24.16 8.65 -14.07
CA LYS C 24 -23.15 8.08 -14.95
C LYS C 24 -22.84 9.03 -16.11
N GLU C 25 -23.90 9.61 -16.72
CA GLU C 25 -23.75 10.54 -17.83
C GLU C 25 -22.98 11.78 -17.40
N ALA C 26 -23.33 12.33 -16.23
CA ALA C 26 -22.62 13.46 -15.67
C ALA C 26 -21.13 13.13 -15.49
N ALA C 27 -20.84 11.91 -15.02
CA ALA C 27 -19.45 11.53 -14.78
C ALA C 27 -18.69 11.43 -16.08
N ALA C 28 -19.32 10.82 -17.09
CA ALA C 28 -18.67 10.67 -18.38
C ALA C 28 -18.33 12.06 -18.95
N ALA C 29 -19.33 12.94 -18.95
CA ALA C 29 -19.17 14.29 -19.50
C ALA C 29 -18.05 15.05 -18.80
N ALA C 30 -18.03 15.05 -17.47
CA ALA C 30 -17.06 15.81 -16.72
C ALA C 30 -15.63 15.30 -16.94
N LEU C 31 -15.47 13.99 -17.07
CA LEU C 31 -14.16 13.38 -17.19
C LEU C 31 -13.61 13.61 -18.59
N LYS C 32 -14.45 13.45 -19.62
CA LYS C 32 -14.06 13.70 -21.00
C LYS C 32 -13.59 15.15 -21.19
N LYS C 33 -14.32 16.07 -20.55
CA LYS C 33 -14.04 17.49 -20.66
C LYS C 33 -12.65 17.80 -20.11
N LYS C 34 -12.18 17.02 -19.14
CA LYS C 34 -10.83 17.19 -18.61
C LYS C 34 -9.85 16.30 -19.36
N GLY C 35 -10.30 15.61 -20.42
CA GLY C 35 -9.41 14.87 -21.31
C GLY C 35 -9.12 13.44 -20.86
N TRP C 36 -9.97 12.87 -19.99
CA TRP C 36 -9.94 11.45 -19.69
C TRP C 36 -10.53 10.66 -20.85
N GLU C 37 -10.00 9.45 -21.09
CA GLU C 37 -10.70 8.45 -21.88
C GLU C 37 -11.69 7.73 -20.95
N VAL C 38 -12.92 7.51 -21.41
CA VAL C 38 -13.92 6.87 -20.59
C VAL C 38 -14.48 5.63 -21.29
N VAL C 39 -14.46 4.52 -20.56
CA VAL C 39 -15.06 3.26 -20.96
C VAL C 39 -16.18 2.92 -19.98
N GLU C 40 -17.17 2.17 -20.46
CA GLU C 40 -18.36 1.87 -19.67
C GLU C 40 -18.55 0.35 -19.59
N SER C 41 -19.06 -0.10 -18.45
CA SER C 41 -19.69 -1.40 -18.34
C SER C 41 -21.07 -1.20 -17.76
N ASP C 42 -22.04 -1.00 -18.64
CA ASP C 42 -23.43 -0.85 -18.25
C ASP C 42 -24.04 -2.25 -18.21
N LEU C 43 -24.10 -2.85 -17.02
CA LEU C 43 -24.23 -4.29 -16.89
C LEU C 43 -25.58 -4.77 -17.41
N TYR C 44 -26.64 -4.01 -17.20
CA TYR C 44 -27.97 -4.38 -17.72
C TYR C 44 -28.01 -4.26 -19.24
N ALA C 45 -27.48 -3.17 -19.80
CA ALA C 45 -27.47 -2.97 -21.24
C ALA C 45 -26.65 -4.07 -21.92
N MET C 46 -25.62 -4.59 -21.26
CA MET C 46 -24.78 -5.65 -21.80
C MET C 46 -25.37 -7.05 -21.61
N ASN C 47 -26.50 -7.16 -20.89
N ASN C 47 -26.52 -7.17 -20.92
CA ASN C 47 -27.04 -8.45 -20.48
CA ASN C 47 -27.04 -8.47 -20.52
C ASN C 47 -25.96 -9.30 -19.82
C ASN C 47 -25.97 -9.30 -19.83
N PHE C 48 -25.22 -8.70 -18.88
CA PHE C 48 -24.10 -9.38 -18.26
C PHE C 48 -24.58 -10.58 -17.43
N ASN C 49 -23.92 -11.72 -17.61
CA ASN C 49 -24.25 -12.92 -16.86
C ASN C 49 -23.56 -12.85 -15.50
N PRO C 50 -24.29 -12.77 -14.38
CA PRO C 50 -23.66 -12.61 -13.08
C PRO C 50 -23.38 -13.90 -12.32
N ILE C 51 -23.59 -15.05 -12.97
CA ILE C 51 -23.52 -16.32 -12.27
C ILE C 51 -22.23 -17.07 -12.61
N ILE C 52 -21.39 -17.33 -11.61
CA ILE C 52 -20.24 -18.21 -11.75
C ILE C 52 -20.71 -19.65 -12.05
N SER C 53 -19.99 -20.31 -12.98
CA SER C 53 -20.24 -21.69 -13.34
C SER C 53 -19.07 -22.26 -14.14
N ARG C 54 -19.17 -23.57 -14.44
CA ARG C 54 -18.21 -24.28 -15.28
C ARG C 54 -18.04 -23.60 -16.63
N LYS C 55 -19.11 -23.01 -17.18
CA LYS C 55 -19.05 -22.39 -18.49
C LYS C 55 -18.15 -21.15 -18.52
N ASP C 56 -17.61 -20.71 -17.39
CA ASP C 56 -16.65 -19.62 -17.37
C ASP C 56 -15.29 -20.09 -17.87
N ILE C 57 -15.06 -21.43 -17.87
CA ILE C 57 -13.85 -22.02 -18.43
C ILE C 57 -14.22 -22.69 -19.75
N THR C 58 -13.58 -22.23 -20.85
CA THR C 58 -13.87 -22.73 -22.19
C THR C 58 -12.92 -23.87 -22.56
N GLY C 59 -11.77 -23.95 -21.89
CA GLY C 59 -10.84 -25.06 -22.07
C GLY C 59 -11.20 -26.29 -21.23
N LYS C 60 -10.16 -27.00 -20.78
CA LYS C 60 -10.30 -28.33 -20.21
C LYS C 60 -10.14 -28.25 -18.71
N LEU C 61 -11.12 -28.80 -17.97
CA LEU C 61 -11.08 -28.75 -16.51
C LEU C 61 -9.92 -29.61 -16.02
N LYS C 62 -9.22 -29.14 -14.98
CA LYS C 62 -8.24 -29.96 -14.31
C LYS C 62 -8.92 -31.16 -13.65
N ASP C 63 -10.06 -30.95 -12.99
CA ASP C 63 -10.77 -32.02 -12.29
C ASP C 63 -12.27 -31.84 -12.41
N PRO C 64 -12.90 -32.34 -13.50
CA PRO C 64 -14.34 -32.18 -13.70
C PRO C 64 -15.22 -32.96 -12.71
N ALA C 65 -14.62 -33.92 -12.00
CA ALA C 65 -15.33 -34.75 -11.03
C ALA C 65 -15.51 -34.02 -9.70
N ASN C 66 -14.51 -33.21 -9.33
CA ASN C 66 -14.55 -32.42 -8.12
C ASN C 66 -14.25 -30.96 -8.51
N PHE C 67 -15.25 -30.28 -9.07
CA PHE C 67 -15.05 -28.96 -9.65
C PHE C 67 -14.94 -27.91 -8.55
N GLN C 68 -13.85 -27.13 -8.59
CA GLN C 68 -13.63 -26.08 -7.61
C GLN C 68 -13.30 -24.78 -8.32
N TYR C 69 -14.23 -23.82 -8.24
CA TYR C 69 -14.19 -22.60 -9.03
C TYR C 69 -12.87 -21.83 -8.81
N PRO C 70 -12.38 -21.66 -7.57
CA PRO C 70 -11.18 -20.85 -7.36
C PRO C 70 -9.94 -21.40 -8.05
N ALA C 71 -9.74 -22.72 -7.99
CA ALA C 71 -8.59 -23.37 -8.61
C ALA C 71 -8.71 -23.36 -10.14
N GLU C 72 -9.90 -23.73 -10.64
CA GLU C 72 -10.14 -23.83 -12.07
C GLU C 72 -10.07 -22.46 -12.75
N SER C 73 -10.64 -21.43 -12.12
CA SER C 73 -10.70 -20.10 -12.70
C SER C 73 -9.28 -19.54 -12.84
N VAL C 74 -8.45 -19.79 -11.82
CA VAL C 74 -7.07 -19.34 -11.83
C VAL C 74 -6.31 -20.04 -12.95
N LEU C 75 -6.42 -21.37 -13.09
CA LEU C 75 -5.70 -22.05 -14.17
C LEU C 75 -6.11 -21.46 -15.50
N ALA C 76 -7.43 -21.33 -15.71
CA ALA C 76 -7.97 -20.78 -16.93
C ALA C 76 -7.44 -19.37 -17.21
N TYR C 77 -7.25 -18.56 -16.16
CA TYR C 77 -6.71 -17.23 -16.33
C TYR C 77 -5.27 -17.31 -16.86
N LYS C 78 -4.44 -18.19 -16.26
CA LYS C 78 -3.05 -18.34 -16.61
C LYS C 78 -2.89 -18.88 -18.04
N GLU C 79 -3.69 -19.88 -18.41
CA GLU C 79 -3.57 -20.54 -19.71
C GLU C 79 -4.43 -19.86 -20.79
N GLY C 80 -5.17 -18.81 -20.43
CA GLY C 80 -5.90 -17.99 -21.39
C GLY C 80 -7.19 -18.59 -21.94
N HIS C 81 -7.93 -19.42 -21.17
CA HIS C 81 -9.19 -19.96 -21.68
C HIS C 81 -10.37 -19.57 -20.78
N LEU C 82 -10.38 -18.31 -20.32
CA LEU C 82 -11.54 -17.73 -19.64
C LEU C 82 -12.57 -17.34 -20.69
N SER C 83 -13.85 -17.47 -20.34
CA SER C 83 -14.94 -16.98 -21.15
C SER C 83 -14.64 -15.57 -21.64
N PRO C 84 -14.83 -15.25 -22.93
CA PRO C 84 -14.46 -13.93 -23.47
C PRO C 84 -15.16 -12.71 -22.89
N ASP C 85 -16.38 -12.90 -22.35
CA ASP C 85 -17.09 -11.82 -21.65
C ASP C 85 -16.28 -11.39 -20.42
N ILE C 86 -15.72 -12.35 -19.69
CA ILE C 86 -14.87 -12.07 -18.55
C ILE C 86 -13.61 -11.34 -19.00
N VAL C 87 -12.98 -11.81 -20.07
CA VAL C 87 -11.69 -11.26 -20.48
C VAL C 87 -11.85 -9.79 -20.92
N ALA C 88 -12.93 -9.50 -21.64
CA ALA C 88 -13.19 -8.15 -22.07
C ALA C 88 -13.29 -7.20 -20.88
N GLU C 89 -13.93 -7.65 -19.80
CA GLU C 89 -14.05 -6.84 -18.60
C GLU C 89 -12.68 -6.69 -17.95
N GLN C 90 -11.91 -7.78 -17.89
CA GLN C 90 -10.58 -7.74 -17.30
C GLN C 90 -9.68 -6.72 -18.00
N LYS C 91 -9.80 -6.62 -19.33
CA LYS C 91 -8.96 -5.72 -20.10
C LYS C 91 -9.32 -4.26 -19.83
N LYS C 92 -10.61 -3.98 -19.58
CA LYS C 92 -11.03 -2.63 -19.27
C LYS C 92 -10.44 -2.20 -17.92
N LEU C 93 -10.45 -3.13 -16.96
CA LEU C 93 -9.84 -2.92 -15.66
C LEU C 93 -8.35 -2.66 -15.77
N GLU C 94 -7.63 -3.51 -16.51
CA GLU C 94 -6.19 -3.40 -16.66
C GLU C 94 -5.82 -2.01 -17.17
N ALA C 95 -6.58 -1.51 -18.14
CA ALA C 95 -6.28 -0.22 -18.76
C ALA C 95 -6.61 0.97 -17.85
N ALA C 96 -7.56 0.79 -16.92
CA ALA C 96 -8.19 1.90 -16.24
C ALA C 96 -7.36 2.36 -15.05
N ASP C 97 -7.29 3.68 -14.86
CA ASP C 97 -6.65 4.28 -13.70
C ASP C 97 -7.66 4.52 -12.58
N LEU C 98 -8.89 4.90 -12.97
CA LEU C 98 -9.96 5.21 -12.05
C LEU C 98 -11.15 4.34 -12.39
N VAL C 99 -11.77 3.71 -11.38
CA VAL C 99 -13.00 2.95 -11.57
C VAL C 99 -14.07 3.55 -10.66
N ILE C 100 -15.21 3.92 -11.26
CA ILE C 100 -16.36 4.44 -10.55
C ILE C 100 -17.49 3.41 -10.65
N PHE C 101 -18.06 3.10 -9.49
CA PHE C 101 -19.16 2.16 -9.39
C PHE C 101 -20.41 2.95 -9.02
N GLN C 102 -21.38 2.97 -9.94
CA GLN C 102 -22.61 3.72 -9.78
C GLN C 102 -23.76 2.74 -9.60
N PHE C 103 -24.42 2.78 -8.44
CA PHE C 103 -25.51 1.84 -8.20
C PHE C 103 -26.44 2.34 -7.09
N PRO C 104 -27.70 1.85 -7.06
CA PRO C 104 -28.55 2.01 -5.88
C PRO C 104 -28.26 0.98 -4.80
N LEU C 105 -28.31 1.42 -3.54
CA LEU C 105 -28.19 0.50 -2.43
C LEU C 105 -29.37 -0.47 -2.49
N GLN C 106 -29.09 -1.77 -2.50
CA GLN C 106 -30.14 -2.77 -2.52
C GLN C 106 -29.85 -3.78 -1.43
N TRP C 107 -30.76 -3.87 -0.47
CA TRP C 107 -30.58 -4.71 0.69
C TRP C 107 -29.19 -4.54 1.30
N PHE C 108 -28.81 -3.29 1.55
CA PHE C 108 -27.64 -2.93 2.33
C PHE C 108 -26.36 -3.36 1.62
N GLY C 109 -26.40 -3.42 0.28
CA GLY C 109 -25.21 -3.75 -0.49
C GLY C 109 -25.38 -3.51 -1.99
N VAL C 110 -24.54 -4.18 -2.77
CA VAL C 110 -24.51 -4.00 -4.19
C VAL C 110 -25.64 -4.85 -4.80
N PRO C 111 -26.24 -4.38 -5.92
CA PRO C 111 -27.14 -5.22 -6.70
C PRO C 111 -26.52 -6.54 -7.14
N ALA C 112 -27.35 -7.58 -7.23
CA ALA C 112 -26.90 -8.92 -7.57
C ALA C 112 -26.05 -8.92 -8.84
N ILE C 113 -26.44 -8.15 -9.86
CA ILE C 113 -25.75 -8.15 -11.14
C ILE C 113 -24.33 -7.62 -10.97
N LEU C 114 -24.13 -6.66 -10.06
CA LEU C 114 -22.78 -6.13 -9.82
C LEU C 114 -22.01 -7.11 -8.92
N LYS C 115 -22.68 -7.73 -7.94
CA LYS C 115 -22.03 -8.75 -7.13
C LYS C 115 -21.42 -9.83 -8.02
N GLY C 116 -22.16 -10.24 -9.06
CA GLY C 116 -21.73 -11.30 -9.94
C GLY C 116 -20.56 -10.88 -10.82
N TRP C 117 -20.54 -9.59 -11.17
CA TRP C 117 -19.44 -9.04 -11.93
C TRP C 117 -18.16 -9.22 -11.12
N PHE C 118 -18.20 -8.87 -9.83
CA PHE C 118 -17.04 -9.07 -8.97
C PHE C 118 -16.65 -10.54 -8.92
N GLU C 119 -17.64 -11.44 -8.81
CA GLU C 119 -17.37 -12.86 -8.63
C GLU C 119 -16.75 -13.47 -9.90
N ARG C 120 -17.17 -13.01 -11.09
CA ARG C 120 -16.69 -13.55 -12.35
C ARG C 120 -15.42 -12.86 -12.83
N VAL C 121 -15.22 -11.59 -12.50
CA VAL C 121 -14.15 -10.80 -13.09
C VAL C 121 -12.93 -10.75 -12.17
N PHE C 122 -13.14 -10.69 -10.86
CA PHE C 122 -12.03 -10.56 -9.91
C PHE C 122 -11.50 -11.96 -9.58
N ILE C 123 -10.75 -12.51 -10.56
CA ILE C 123 -10.24 -13.86 -10.49
C ILE C 123 -8.90 -13.85 -9.76
N GLY C 124 -8.59 -14.94 -9.05
CA GLY C 124 -7.29 -15.09 -8.43
C GLY C 124 -6.17 -14.85 -9.45
N GLU C 125 -5.05 -14.27 -8.98
CA GLU C 125 -3.86 -13.96 -9.77
C GLU C 125 -4.06 -12.67 -10.57
N PHE C 126 -5.24 -12.51 -11.18
CA PHE C 126 -5.54 -11.29 -11.87
C PHE C 126 -5.74 -10.14 -10.87
N ALA C 127 -6.56 -10.37 -9.84
CA ALA C 127 -7.05 -9.29 -8.99
C ALA C 127 -6.57 -9.42 -7.56
N TYR C 128 -6.03 -10.57 -7.16
CA TYR C 128 -5.53 -10.78 -5.81
C TYR C 128 -4.67 -12.02 -5.79
N THR C 129 -3.71 -12.11 -4.84
CA THR C 129 -3.10 -13.36 -4.43
C THR C 129 -2.96 -13.32 -2.91
N TYR C 130 -2.60 -14.45 -2.30
CA TYR C 130 -2.40 -14.49 -0.86
C TYR C 130 -1.11 -13.77 -0.48
N ALA C 131 -0.16 -13.66 -1.42
CA ALA C 131 1.06 -12.87 -1.22
C ALA C 131 0.83 -11.38 -1.47
N ALA C 132 -0.11 -11.01 -2.36
CA ALA C 132 -0.37 -9.61 -2.71
C ALA C 132 -1.78 -9.22 -2.28
N MET C 133 -1.93 -8.88 -1.01
CA MET C 133 -3.24 -8.53 -0.45
C MET C 133 -3.23 -7.06 -0.09
N TYR C 134 -4.42 -6.46 -0.08
CA TYR C 134 -4.61 -5.13 0.50
C TYR C 134 -3.60 -4.20 -0.18
N ASP C 135 -2.81 -3.42 0.56
CA ASP C 135 -2.05 -2.34 -0.06
C ASP C 135 -0.95 -2.87 -0.98
N LYS C 136 -0.67 -4.18 -0.95
CA LYS C 136 0.30 -4.81 -1.86
C LYS C 136 -0.39 -5.46 -3.06
N GLY C 137 -1.69 -5.22 -3.23
CA GLY C 137 -2.45 -5.91 -4.25
C GLY C 137 -2.20 -5.38 -5.66
N PRO C 138 -2.62 -6.12 -6.69
CA PRO C 138 -2.33 -5.75 -8.08
C PRO C 138 -2.84 -4.39 -8.55
N PHE C 139 -3.93 -3.90 -7.93
CA PHE C 139 -4.54 -2.66 -8.41
C PHE C 139 -4.09 -1.47 -7.56
N ARG C 140 -2.90 -1.55 -6.96
CA ARG C 140 -2.45 -0.54 -6.03
C ARG C 140 -2.15 0.79 -6.71
N SER C 141 -2.07 0.81 -8.05
CA SER C 141 -1.85 2.05 -8.78
C SER C 141 -3.15 2.72 -9.17
N LYS C 142 -4.26 2.04 -8.90
CA LYS C 142 -5.57 2.47 -9.37
C LYS C 142 -6.38 3.02 -8.20
N LYS C 143 -7.38 3.84 -8.54
CA LYS C 143 -8.28 4.43 -7.56
C LYS C 143 -9.70 4.02 -7.89
N ALA C 144 -10.49 3.76 -6.85
CA ALA C 144 -11.88 3.34 -6.99
C ALA C 144 -12.76 4.21 -6.11
N VAL C 145 -14.01 4.44 -6.57
CA VAL C 145 -14.96 5.22 -5.79
C VAL C 145 -16.35 4.61 -5.97
N LEU C 146 -17.09 4.47 -4.87
CA LEU C 146 -18.49 4.08 -4.91
C LEU C 146 -19.33 5.33 -4.97
N SER C 147 -20.34 5.31 -5.85
CA SER C 147 -21.35 6.34 -5.93
C SER C 147 -22.70 5.65 -5.75
N ILE C 148 -23.33 5.93 -4.60
CA ILE C 148 -24.48 5.18 -4.13
C ILE C 148 -25.68 6.10 -3.96
N THR C 149 -26.88 5.64 -4.33
CA THR C 149 -28.14 6.27 -4.01
C THR C 149 -28.94 5.36 -3.09
N THR C 150 -29.67 5.96 -2.16
CA THR C 150 -30.54 5.23 -1.25
C THR C 150 -31.95 5.78 -1.34
N GLY C 151 -32.93 4.94 -0.97
CA GLY C 151 -34.30 5.33 -0.72
C GLY C 151 -34.47 6.01 0.66
N GLY C 152 -33.81 5.46 1.68
CA GLY C 152 -33.93 5.99 3.04
C GLY C 152 -33.07 7.25 3.21
N SER C 153 -33.38 8.01 4.26
CA SER C 153 -32.74 9.29 4.53
C SER C 153 -31.44 9.07 5.31
N GLY C 154 -30.58 10.11 5.32
CA GLY C 154 -29.27 10.03 5.95
C GLY C 154 -29.39 9.77 7.46
N SER C 155 -30.45 10.30 8.06
CA SER C 155 -30.65 10.14 9.49
C SER C 155 -30.80 8.66 9.84
N MET C 156 -31.39 7.86 8.93
CA MET C 156 -31.63 6.45 9.20
C MET C 156 -30.33 5.68 9.26
N TYR C 157 -29.26 6.23 8.65
CA TYR C 157 -27.96 5.58 8.60
C TYR C 157 -26.91 6.35 9.41
N SER C 158 -27.36 7.23 10.31
CA SER C 158 -26.48 7.90 11.24
C SER C 158 -26.21 6.96 12.41
N LEU C 159 -25.37 7.38 13.38
CA LEU C 159 -25.03 6.55 14.52
C LEU C 159 -26.28 6.20 15.31
N GLN C 160 -27.29 7.11 15.30
CA GLN C 160 -28.49 6.95 16.11
C GLN C 160 -29.69 6.54 15.27
N GLY C 161 -29.48 6.27 13.98
CA GLY C 161 -30.59 5.90 13.10
C GLY C 161 -30.99 4.43 13.23
N ILE C 162 -32.23 4.14 12.82
CA ILE C 162 -32.81 2.81 12.92
C ILE C 162 -31.94 1.79 12.19
N HIS C 163 -31.34 2.14 11.06
CA HIS C 163 -30.57 1.17 10.27
C HIS C 163 -29.15 0.98 10.80
N GLY C 164 -28.63 1.97 11.53
CA GLY C 164 -27.27 1.89 12.05
C GLY C 164 -26.26 2.55 11.12
N ASP C 165 -24.99 2.56 11.54
CA ASP C 165 -23.93 3.35 10.93
C ASP C 165 -23.68 2.88 9.49
N MET C 166 -23.73 3.83 8.55
CA MET C 166 -23.43 3.57 7.15
C MET C 166 -22.00 3.06 6.98
N ASN C 167 -21.10 3.47 7.87
CA ASN C 167 -19.68 3.10 7.81
C ASN C 167 -19.55 1.58 7.88
N VAL C 168 -20.43 0.93 8.65
CA VAL C 168 -20.37 -0.52 8.82
C VAL C 168 -20.85 -1.21 7.55
N ILE C 169 -21.86 -0.60 6.89
CA ILE C 169 -22.44 -1.15 5.68
C ILE C 169 -21.44 -1.14 4.53
N LEU C 170 -20.61 -0.09 4.44
CA LEU C 170 -19.70 0.08 3.33
C LEU C 170 -18.44 -0.78 3.48
N TRP C 171 -18.09 -1.16 4.73
CA TRP C 171 -16.84 -1.82 5.03
C TRP C 171 -16.64 -3.09 4.19
N PRO C 172 -17.61 -4.04 4.13
CA PRO C 172 -17.41 -5.27 3.38
C PRO C 172 -17.09 -5.01 1.91
N ILE C 173 -17.64 -3.91 1.36
CA ILE C 173 -17.41 -3.61 -0.04
C ILE C 173 -16.07 -2.92 -0.19
N GLN C 174 -15.82 -1.86 0.59
CA GLN C 174 -14.67 -1.01 0.37
C GLN C 174 -13.39 -1.69 0.85
N SER C 175 -13.44 -2.40 1.99
CA SER C 175 -12.27 -3.14 2.46
C SER C 175 -12.16 -4.50 1.77
N GLY C 176 -13.25 -5.25 1.81
CA GLY C 176 -13.24 -6.66 1.46
C GLY C 176 -13.16 -6.92 -0.04
N ILE C 177 -13.68 -6.02 -0.87
CA ILE C 177 -13.62 -6.22 -2.31
C ILE C 177 -12.56 -5.33 -2.93
N LEU C 178 -12.66 -4.01 -2.71
CA LEU C 178 -11.84 -3.07 -3.47
C LEU C 178 -10.42 -3.01 -2.89
N HIS C 179 -10.28 -2.73 -1.59
CA HIS C 179 -8.96 -2.54 -1.02
C HIS C 179 -8.20 -3.86 -0.99
N PHE C 180 -8.91 -4.97 -0.81
CA PHE C 180 -8.32 -6.30 -0.86
C PHE C 180 -7.52 -6.54 -2.15
N CYS C 181 -7.99 -6.00 -3.27
CA CYS C 181 -7.33 -6.16 -4.56
C CYS C 181 -6.32 -5.03 -4.80
N GLY C 182 -6.16 -4.10 -3.85
CA GLY C 182 -5.13 -3.08 -3.95
C GLY C 182 -5.65 -1.67 -4.21
N PHE C 183 -6.93 -1.52 -4.57
CA PHE C 183 -7.43 -0.22 -4.92
C PHE C 183 -7.19 0.75 -3.75
N GLN C 184 -6.73 1.95 -4.11
CA GLN C 184 -6.92 3.10 -3.25
C GLN C 184 -8.38 3.47 -3.35
N VAL C 185 -9.05 3.57 -2.21
CA VAL C 185 -10.48 3.83 -2.20
C VAL C 185 -10.71 5.26 -1.76
N LEU C 186 -11.45 6.00 -2.58
CA LEU C 186 -11.74 7.39 -2.30
C LEU C 186 -13.07 7.47 -1.54
N GLU C 187 -13.33 8.67 -0.99
CA GLU C 187 -14.55 8.93 -0.26
C GLU C 187 -15.74 8.59 -1.13
N PRO C 188 -16.69 7.80 -0.61
CA PRO C 188 -17.88 7.48 -1.39
C PRO C 188 -18.72 8.74 -1.62
N GLN C 189 -19.40 8.78 -2.78
CA GLN C 189 -20.44 9.72 -3.08
C GLN C 189 -21.79 9.15 -2.64
N LEU C 190 -22.37 9.71 -1.58
CA LEU C 190 -23.58 9.19 -0.99
C LEU C 190 -24.73 10.14 -1.25
N THR C 191 -25.77 9.64 -1.95
CA THR C 191 -26.90 10.45 -2.32
C THR C 191 -28.15 9.84 -1.67
N TYR C 192 -28.56 10.42 -0.52
CA TYR C 192 -29.63 9.85 0.26
C TYR C 192 -31.00 10.34 -0.23
N SER C 193 -32.02 9.50 0.02
CA SER C 193 -33.42 9.80 -0.23
C SER C 193 -33.60 10.56 -1.55
N ILE C 194 -33.05 9.98 -2.63
CA ILE C 194 -33.02 10.63 -3.92
C ILE C 194 -34.44 10.80 -4.48
N GLY C 195 -35.35 9.88 -4.12
CA GLY C 195 -36.68 9.89 -4.70
C GLY C 195 -37.56 11.01 -4.14
N HIS C 196 -37.20 11.51 -2.96
N HIS C 196 -37.23 11.50 -2.93
CA HIS C 196 -37.94 12.57 -2.28
CA HIS C 196 -37.98 12.62 -2.36
C HIS C 196 -37.06 13.82 -2.21
C HIS C 196 -37.05 13.82 -2.21
N THR C 197 -36.18 13.99 -3.20
CA THR C 197 -35.37 15.19 -3.31
C THR C 197 -35.99 16.03 -4.42
N PRO C 198 -36.29 17.33 -4.18
CA PRO C 198 -36.83 18.20 -5.21
C PRO C 198 -35.88 18.42 -6.37
N ALA C 199 -36.46 18.72 -7.55
CA ALA C 199 -35.75 18.79 -8.81
C ALA C 199 -34.49 19.67 -8.73
N ASP C 200 -34.63 20.82 -8.08
CA ASP C 200 -33.56 21.82 -8.06
C ASP C 200 -32.37 21.26 -7.29
N ALA C 201 -32.63 20.52 -6.21
CA ALA C 201 -31.59 19.88 -5.42
C ALA C 201 -30.91 18.75 -6.22
N ARG C 202 -31.71 17.96 -6.93
CA ARG C 202 -31.15 16.91 -7.79
C ARG C 202 -30.14 17.52 -8.76
N ILE C 203 -30.47 18.70 -9.32
CA ILE C 203 -29.59 19.35 -10.27
C ILE C 203 -28.29 19.79 -9.58
N GLN C 204 -28.38 20.30 -8.34
CA GLN C 204 -27.19 20.65 -7.59
C GLN C 204 -26.31 19.41 -7.37
N ILE C 205 -26.93 18.26 -7.09
CA ILE C 205 -26.20 17.04 -6.80
C ILE C 205 -25.35 16.67 -8.02
N LEU C 206 -25.96 16.68 -9.21
CA LEU C 206 -25.23 16.39 -10.44
C LEU C 206 -24.06 17.37 -10.61
N GLU C 207 -24.33 18.65 -10.31
CA GLU C 207 -23.34 19.70 -10.50
C GLU C 207 -22.16 19.46 -9.57
N GLY C 208 -22.47 19.09 -8.31
CA GLY C 208 -21.46 18.81 -7.31
C GLY C 208 -20.62 17.59 -7.67
N TRP C 209 -21.27 16.58 -8.26
CA TRP C 209 -20.59 15.38 -8.70
C TRP C 209 -19.58 15.74 -9.77
N LYS C 210 -20.02 16.56 -10.74
CA LYS C 210 -19.17 16.96 -11.85
C LYS C 210 -17.98 17.77 -11.33
N LYS C 211 -18.25 18.65 -10.36
CA LYS C 211 -17.22 19.54 -9.85
C LYS C 211 -16.16 18.69 -9.14
N ARG C 212 -16.61 17.73 -8.30
CA ARG C 212 -15.70 16.84 -7.60
C ARG C 212 -14.79 16.09 -8.58
N LEU C 213 -15.34 15.63 -9.70
CA LEU C 213 -14.61 14.77 -10.61
C LEU C 213 -13.46 15.53 -11.29
N GLU C 214 -13.51 16.86 -11.30
CA GLU C 214 -12.46 17.65 -11.93
C GLU C 214 -11.12 17.47 -11.23
N ASN C 215 -11.12 17.18 -9.92
CA ASN C 215 -9.88 17.05 -9.17
C ASN C 215 -9.79 15.72 -8.43
N ILE C 216 -10.54 14.71 -8.87
CA ILE C 216 -10.73 13.47 -8.15
C ILE C 216 -9.36 12.82 -7.90
N TRP C 217 -8.44 12.95 -8.86
CA TRP C 217 -7.18 12.25 -8.79
C TRP C 217 -6.29 12.76 -7.66
N ASP C 218 -6.53 13.99 -7.18
CA ASP C 218 -5.67 14.59 -6.17
C ASP C 218 -6.12 14.28 -4.75
N GLU C 219 -7.30 13.66 -4.59
CA GLU C 219 -7.91 13.50 -3.28
C GLU C 219 -7.14 12.49 -2.44
N THR C 220 -7.17 12.69 -1.11
CA THR C 220 -6.63 11.73 -0.17
C THR C 220 -7.60 10.57 -0.06
N PRO C 221 -7.10 9.31 -0.16
CA PRO C 221 -7.95 8.14 0.03
C PRO C 221 -8.31 7.84 1.48
N LEU C 222 -9.27 6.92 1.67
CA LEU C 222 -9.68 6.43 2.97
C LEU C 222 -8.54 5.67 3.62
N TYR C 223 -8.56 5.65 4.96
CA TYR C 223 -7.56 4.95 5.74
C TYR C 223 -8.01 3.52 6.01
N PHE C 224 -7.15 2.58 5.65
CA PHE C 224 -7.21 1.18 6.08
C PHE C 224 -5.87 0.88 6.78
N ALA C 225 -5.89 -0.02 7.76
CA ALA C 225 -4.66 -0.47 8.40
C ALA C 225 -3.73 -1.01 7.33
N PRO C 226 -2.46 -0.51 7.24
CA PRO C 226 -1.48 -1.08 6.30
C PRO C 226 -1.18 -2.55 6.56
N SER C 227 -0.85 -3.27 5.49
CA SER C 227 -0.62 -4.71 5.58
C SER C 227 0.61 -5.01 6.45
N SER C 228 1.55 -4.06 6.48
CA SER C 228 2.77 -4.15 7.23
C SER C 228 2.54 -4.23 8.74
N LEU C 229 1.30 -4.03 9.23
CA LEU C 229 1.00 -4.23 10.64
C LEU C 229 0.80 -5.72 10.96
N PHE C 230 0.84 -6.58 9.93
CA PHE C 230 0.40 -7.96 10.08
C PHE C 230 1.50 -8.93 9.65
N ASP C 231 1.49 -10.14 10.22
CA ASP C 231 2.33 -11.23 9.77
C ASP C 231 1.59 -12.00 8.68
N LEU C 232 1.97 -11.75 7.43
CA LEU C 232 1.24 -12.29 6.30
C LEU C 232 1.76 -13.68 5.97
N ASN C 233 1.45 -14.67 6.80
CA ASN C 233 1.74 -16.05 6.48
C ASN C 233 0.87 -16.98 7.33
N PHE C 234 0.74 -18.23 6.87
N PHE C 234 0.73 -18.22 6.86
CA PHE C 234 -0.28 -19.14 7.37
CA PHE C 234 -0.27 -19.17 7.36
C PHE C 234 0.04 -19.57 8.80
C PHE C 234 0.04 -19.58 8.80
N GLN C 235 1.33 -19.60 9.17
CA GLN C 235 1.73 -20.04 10.50
C GLN C 235 1.40 -18.98 11.55
N ALA C 236 1.53 -17.70 11.21
CA ALA C 236 1.18 -16.61 12.11
C ALA C 236 -0.34 -16.39 12.17
N GLY C 237 -1.06 -16.94 11.19
CA GLY C 237 -2.52 -16.87 11.13
C GLY C 237 -3.04 -15.55 10.57
N PHE C 238 -2.15 -14.77 9.91
CA PHE C 238 -2.45 -13.44 9.42
C PHE C 238 -2.99 -12.55 10.52
N LEU C 239 -2.41 -12.70 11.72
CA LEU C 239 -2.70 -11.83 12.84
C LEU C 239 -1.78 -10.62 12.80
N MET C 240 -2.24 -9.56 13.46
CA MET C 240 -1.46 -8.36 13.75
C MET C 240 -0.19 -8.78 14.50
N LYS C 241 0.94 -8.16 14.16
CA LYS C 241 2.20 -8.42 14.85
C LYS C 241 2.09 -8.12 16.34
N LYS C 242 2.76 -8.94 17.17
CA LYS C 242 2.73 -8.79 18.62
C LYS C 242 3.20 -7.38 19.05
N GLU C 243 4.28 -6.87 18.43
CA GLU C 243 4.84 -5.58 18.79
C GLU C 243 3.80 -4.46 18.53
N VAL C 244 3.03 -4.60 17.45
CA VAL C 244 2.04 -3.60 17.09
C VAL C 244 0.86 -3.70 18.03
N GLN C 245 0.50 -4.92 18.43
CA GLN C 245 -0.54 -5.12 19.44
C GLN C 245 -0.16 -4.40 20.73
N ASP C 246 1.12 -4.54 21.14
CA ASP C 246 1.60 -3.94 22.39
C ASP C 246 1.52 -2.41 22.31
N GLU C 247 1.88 -1.82 21.16
CA GLU C 247 1.80 -0.38 20.97
C GLU C 247 0.35 0.15 20.94
N GLU C 248 -0.62 -0.68 20.57
CA GLU C 248 -2.00 -0.25 20.38
C GLU C 248 -2.85 -0.47 21.64
N LYS C 249 -2.35 -1.32 22.56
CA LYS C 249 -3.05 -1.72 23.77
C LYS C 249 -3.72 -0.53 24.48
N ASN C 250 -3.00 0.61 24.59
CA ASN C 250 -3.43 1.70 25.46
C ASN C 250 -4.19 2.80 24.71
N LYS C 251 -4.38 2.66 23.40
CA LYS C 251 -5.02 3.70 22.61
C LYS C 251 -6.54 3.59 22.75
N LYS C 252 -7.25 4.72 22.63
CA LYS C 252 -8.67 4.77 22.92
C LYS C 252 -9.49 4.41 21.69
N PHE C 253 -8.99 4.74 20.49
CA PHE C 253 -9.63 4.45 19.22
C PHE C 253 -8.96 3.26 18.54
N GLY C 254 -9.76 2.48 17.80
CA GLY C 254 -9.25 1.47 16.89
C GLY C 254 -8.71 2.13 15.61
N LEU C 255 -8.29 1.27 14.67
CA LEU C 255 -7.62 1.67 13.44
C LEU C 255 -8.64 1.97 12.34
N SER C 256 -9.74 1.20 12.33
CA SER C 256 -10.72 1.22 11.26
C SER C 256 -12.00 0.53 11.75
N VAL C 257 -13.03 0.50 10.88
CA VAL C 257 -14.27 -0.19 11.19
C VAL C 257 -14.01 -1.67 11.46
N GLY C 258 -13.27 -2.35 10.58
CA GLY C 258 -13.04 -3.78 10.73
C GLY C 258 -11.97 -4.06 11.77
N HIS C 259 -11.03 -3.12 11.91
CA HIS C 259 -9.97 -3.23 12.90
C HIS C 259 -10.28 -2.31 14.07
N HIS C 260 -11.45 -2.52 14.69
CA HIS C 260 -11.90 -1.70 15.80
C HIS C 260 -11.21 -2.13 17.09
N LEU C 261 -10.73 -3.38 17.13
CA LEU C 261 -9.97 -3.93 18.24
C LEU C 261 -10.71 -3.84 19.57
N GLY C 262 -12.04 -3.74 19.52
CA GLY C 262 -12.87 -3.67 20.71
C GLY C 262 -12.92 -2.27 21.32
N LYS C 263 -12.42 -1.27 20.59
N LYS C 263 -12.41 -1.27 20.59
CA LYS C 263 -12.40 0.09 21.05
CA LYS C 263 -12.41 0.09 21.07
C LYS C 263 -13.33 0.90 20.16
C LYS C 263 -13.34 0.90 20.16
N SER C 264 -13.31 2.22 20.30
CA SER C 264 -14.15 3.12 19.51
C SER C 264 -13.68 3.15 18.05
N ILE C 265 -14.65 3.23 17.13
CA ILE C 265 -14.34 3.25 15.71
C ILE C 265 -14.05 4.70 15.34
N PRO C 266 -12.92 4.98 14.67
CA PRO C 266 -12.59 6.36 14.33
C PRO C 266 -13.77 6.90 13.51
N THR C 267 -14.14 8.17 13.73
CA THR C 267 -15.37 8.70 13.15
C THR C 267 -15.25 8.75 11.62
N ASP C 268 -16.29 8.23 10.96
CA ASP C 268 -16.43 8.27 9.51
C ASP C 268 -15.21 7.68 8.80
N ASN C 269 -14.70 6.56 9.34
CA ASN C 269 -13.56 5.86 8.79
C ASN C 269 -13.80 5.47 7.33
N GLN C 270 -15.04 5.12 6.97
CA GLN C 270 -15.33 4.65 5.63
C GLN C 270 -16.01 5.72 4.75
N ILE C 271 -16.26 6.90 5.32
CA ILE C 271 -16.97 7.95 4.60
C ILE C 271 -16.09 9.17 4.32
N LYS C 272 -15.15 9.49 5.23
CA LYS C 272 -14.29 10.66 5.09
C LYS C 272 -12.82 10.27 5.24
N ALA C 273 -11.95 10.82 4.39
CA ALA C 273 -10.52 10.58 4.53
C ALA C 273 -9.99 11.42 5.70
N ARG C 274 -8.92 10.96 6.38
CA ARG C 274 -8.38 11.66 7.53
C ARG C 274 -7.83 13.04 7.17
N LYS C 275 -8.07 13.96 8.11
CA LYS C 275 -7.55 15.32 8.09
C LYS C 275 -6.93 15.59 9.48
N GLY D 3 -45.14 -30.73 14.01
CA GLY D 3 -45.60 -30.33 12.66
C GLY D 3 -45.05 -28.97 12.25
N ARG D 4 -43.73 -28.78 12.40
CA ARG D 4 -43.04 -27.55 12.00
C ARG D 4 -42.35 -27.75 10.66
N ARG D 5 -42.23 -26.64 9.92
CA ARG D 5 -41.74 -26.62 8.55
C ARG D 5 -40.41 -25.85 8.48
N ALA D 6 -39.43 -26.44 7.79
CA ALA D 6 -38.16 -25.79 7.54
C ALA D 6 -37.97 -25.59 6.04
N LEU D 7 -37.46 -24.42 5.63
CA LEU D 7 -37.00 -24.19 4.26
C LEU D 7 -35.47 -24.11 4.27
N ILE D 8 -34.81 -24.83 3.36
CA ILE D 8 -33.36 -24.77 3.24
C ILE D 8 -33.03 -24.15 1.90
N VAL D 9 -32.33 -23.01 1.93
CA VAL D 9 -31.90 -22.33 0.72
C VAL D 9 -30.41 -22.57 0.54
N LEU D 10 -30.04 -23.17 -0.61
CA LEU D 10 -28.66 -23.52 -0.90
C LEU D 10 -28.19 -22.71 -2.10
N ALA D 11 -26.95 -22.18 -1.99
CA ALA D 11 -26.32 -21.42 -3.06
C ALA D 11 -24.93 -22.00 -3.35
N HIS D 12 -24.90 -23.19 -3.96
CA HIS D 12 -23.68 -23.83 -4.43
C HIS D 12 -24.02 -24.74 -5.62
N SER D 13 -23.21 -24.64 -6.69
CA SER D 13 -23.48 -25.35 -7.92
C SER D 13 -23.14 -26.84 -7.86
N GLU D 14 -22.32 -27.27 -6.90
CA GLU D 14 -21.71 -28.59 -6.96
C GLU D 14 -22.26 -29.53 -5.88
N ARG D 15 -22.72 -30.72 -6.33
CA ARG D 15 -23.27 -31.74 -5.45
C ARG D 15 -22.17 -32.41 -4.65
N THR D 16 -20.92 -32.25 -5.11
CA THR D 16 -19.76 -32.82 -4.45
C THR D 16 -19.21 -31.93 -3.33
N SER D 17 -19.84 -30.77 -3.10
CA SER D 17 -19.30 -29.74 -2.21
C SER D 17 -19.64 -30.06 -0.76
N PHE D 18 -18.85 -29.52 0.17
CA PHE D 18 -19.19 -29.59 1.58
C PHE D 18 -20.51 -28.84 1.88
N ASN D 19 -20.77 -27.74 1.16
CA ASN D 19 -22.02 -27.00 1.27
C ASN D 19 -23.20 -27.94 1.03
N TYR D 20 -23.12 -28.77 -0.01
CA TYR D 20 -24.16 -29.72 -0.31
C TYR D 20 -24.28 -30.77 0.80
N ALA D 21 -23.15 -31.21 1.36
CA ALA D 21 -23.16 -32.18 2.44
C ALA D 21 -23.88 -31.59 3.67
N MET D 22 -23.65 -30.31 3.94
CA MET D 22 -24.24 -29.64 5.10
C MET D 22 -25.75 -29.54 4.93
N LYS D 23 -26.21 -29.27 3.70
CA LYS D 23 -27.63 -29.19 3.43
C LYS D 23 -28.29 -30.54 3.67
N GLU D 24 -27.65 -31.63 3.17
CA GLU D 24 -28.15 -32.99 3.32
C GLU D 24 -28.20 -33.36 4.80
N ALA D 25 -27.15 -33.05 5.56
CA ALA D 25 -27.14 -33.27 6.99
C ALA D 25 -28.32 -32.57 7.67
N ALA D 26 -28.61 -31.35 7.24
CA ALA D 26 -29.68 -30.58 7.86
C ALA D 26 -31.04 -31.23 7.54
N ALA D 27 -31.22 -31.64 6.29
CA ALA D 27 -32.46 -32.28 5.89
C ALA D 27 -32.69 -33.53 6.73
N ALA D 28 -31.67 -34.40 6.79
CA ALA D 28 -31.73 -35.66 7.51
C ALA D 28 -32.09 -35.45 8.98
N ALA D 29 -31.39 -34.53 9.65
CA ALA D 29 -31.57 -34.33 11.08
C ALA D 29 -32.97 -33.80 11.39
N LEU D 30 -33.49 -32.92 10.52
CA LEU D 30 -34.76 -32.25 10.77
C LEU D 30 -35.90 -33.23 10.54
N LYS D 31 -35.83 -34.02 9.45
CA LYS D 31 -36.85 -35.01 9.14
C LYS D 31 -36.97 -36.03 10.28
N LYS D 32 -35.81 -36.45 10.82
CA LYS D 32 -35.75 -37.44 11.88
C LYS D 32 -36.48 -36.94 13.12
N LYS D 33 -36.50 -35.63 13.33
CA LYS D 33 -37.22 -35.05 14.45
C LYS D 33 -38.64 -34.63 14.02
N GLY D 34 -39.04 -35.00 12.79
CA GLY D 34 -40.43 -34.88 12.38
C GLY D 34 -40.78 -33.52 11.75
N TRP D 35 -39.78 -32.76 11.31
CA TRP D 35 -39.98 -31.55 10.53
C TRP D 35 -40.36 -31.92 9.10
N GLU D 36 -41.22 -31.11 8.49
CA GLU D 36 -41.35 -31.08 7.04
C GLU D 36 -40.24 -30.19 6.47
N VAL D 37 -39.56 -30.65 5.42
CA VAL D 37 -38.45 -29.89 4.86
C VAL D 37 -38.69 -29.62 3.37
N VAL D 38 -38.59 -28.34 3.01
CA VAL D 38 -38.66 -27.86 1.64
C VAL D 38 -37.31 -27.24 1.28
N GLU D 39 -36.96 -27.29 0.00
CA GLU D 39 -35.67 -26.84 -0.47
C GLU D 39 -35.84 -25.78 -1.56
N SER D 40 -34.91 -24.82 -1.59
CA SER D 40 -34.68 -24.01 -2.76
C SER D 40 -33.20 -24.09 -3.07
N ASP D 41 -32.87 -25.04 -3.95
CA ASP D 41 -31.52 -25.22 -4.43
C ASP D 41 -31.36 -24.36 -5.66
N LEU D 42 -30.82 -23.16 -5.49
CA LEU D 42 -30.98 -22.08 -6.45
C LEU D 42 -30.30 -22.41 -7.79
N TYR D 43 -29.13 -23.08 -7.75
CA TYR D 43 -28.45 -23.49 -8.97
C TYR D 43 -29.23 -24.57 -9.71
N ALA D 44 -29.72 -25.57 -8.98
CA ALA D 44 -30.47 -26.66 -9.57
C ALA D 44 -31.76 -26.13 -10.21
N MET D 45 -32.34 -25.07 -9.64
CA MET D 45 -33.55 -24.45 -10.15
C MET D 45 -33.30 -23.51 -11.34
N ASN D 46 -32.01 -23.24 -11.67
CA ASN D 46 -31.68 -22.19 -12.63
C ASN D 46 -32.38 -20.88 -12.26
N PHE D 47 -32.30 -20.49 -11.00
CA PHE D 47 -33.05 -19.34 -10.52
C PHE D 47 -32.51 -18.06 -11.16
N ASN D 48 -33.42 -17.20 -11.64
CA ASN D 48 -33.02 -15.94 -12.25
C ASN D 48 -32.79 -14.92 -11.14
N PRO D 49 -31.56 -14.42 -10.95
CA PRO D 49 -31.29 -13.51 -9.84
C PRO D 49 -31.39 -12.02 -10.17
N ILE D 50 -31.88 -11.68 -11.37
CA ILE D 50 -31.86 -10.30 -11.81
C ILE D 50 -33.25 -9.68 -11.77
N ILE D 51 -33.44 -8.63 -10.95
CA ILE D 51 -34.66 -7.84 -10.98
C ILE D 51 -34.81 -7.13 -12.34
N SER D 52 -36.04 -7.12 -12.86
CA SER D 52 -36.37 -6.45 -14.12
C SER D 52 -37.89 -6.28 -14.26
N ARG D 53 -38.28 -5.57 -15.33
CA ARG D 53 -39.68 -5.42 -15.72
C ARG D 53 -40.38 -6.76 -15.86
N LYS D 54 -39.68 -7.79 -16.31
CA LYS D 54 -40.27 -9.11 -16.56
C LYS D 54 -40.69 -9.80 -15.25
N ASP D 55 -40.42 -9.20 -14.10
CA ASP D 55 -40.93 -9.73 -12.83
C ASP D 55 -42.41 -9.40 -12.68
N ILE D 56 -42.91 -8.43 -13.46
CA ILE D 56 -44.32 -8.08 -13.51
C ILE D 56 -44.90 -8.61 -14.83
N THR D 57 -45.90 -9.49 -14.74
CA THR D 57 -46.52 -10.10 -15.91
C THR D 57 -47.73 -9.29 -16.36
N GLY D 58 -48.32 -8.49 -15.45
CA GLY D 58 -49.41 -7.60 -15.80
C GLY D 58 -48.94 -6.27 -16.39
N LYS D 59 -49.70 -5.23 -16.07
CA LYS D 59 -49.62 -3.95 -16.75
C LYS D 59 -48.89 -2.96 -15.84
N LEU D 60 -47.86 -2.30 -16.36
CA LEU D 60 -47.10 -1.36 -15.55
C LEU D 60 -47.98 -0.14 -15.28
N LYS D 61 -47.90 0.41 -14.06
CA LYS D 61 -48.56 1.66 -13.75
C LYS D 61 -47.94 2.78 -14.57
N ASP D 62 -46.60 2.80 -14.69
CA ASP D 62 -45.91 3.86 -15.42
C ASP D 62 -44.70 3.28 -16.16
N PRO D 63 -44.87 2.76 -17.39
CA PRO D 63 -43.76 2.15 -18.13
C PRO D 63 -42.71 3.15 -18.60
N ALA D 64 -43.05 4.45 -18.58
CA ALA D 64 -42.15 5.50 -19.02
C ALA D 64 -41.15 5.86 -17.93
N ASN D 65 -41.57 5.78 -16.66
CA ASN D 65 -40.71 5.99 -15.51
C ASN D 65 -40.83 4.78 -14.60
N PHE D 66 -40.15 3.68 -14.98
CA PHE D 66 -40.30 2.40 -14.29
C PHE D 66 -39.51 2.41 -12.98
N GLN D 67 -40.20 2.12 -11.87
CA GLN D 67 -39.58 2.11 -10.56
C GLN D 67 -39.95 0.81 -9.85
N TYR D 68 -38.95 -0.05 -9.69
CA TYR D 68 -39.15 -1.44 -9.28
C TYR D 68 -39.88 -1.50 -7.93
N PRO D 69 -39.53 -0.68 -6.90
CA PRO D 69 -40.17 -0.80 -5.59
C PRO D 69 -41.69 -0.57 -5.64
N ALA D 70 -42.13 0.45 -6.39
CA ALA D 70 -43.55 0.79 -6.49
C ALA D 70 -44.30 -0.25 -7.33
N GLU D 71 -43.72 -0.63 -8.48
CA GLU D 71 -44.33 -1.57 -9.40
C GLU D 71 -44.43 -2.96 -8.79
N SER D 72 -43.39 -3.40 -8.08
CA SER D 72 -43.35 -4.74 -7.51
C SER D 72 -44.42 -4.88 -6.44
N VAL D 73 -44.59 -3.83 -5.64
CA VAL D 73 -45.59 -3.81 -4.59
C VAL D 73 -47.00 -3.90 -5.20
N LEU D 74 -47.30 -3.07 -6.21
CA LEU D 74 -48.61 -3.14 -6.84
C LEU D 74 -48.86 -4.55 -7.34
N ALA D 75 -47.88 -5.10 -8.08
CA ALA D 75 -47.98 -6.43 -8.66
C ALA D 75 -48.21 -7.50 -7.58
N TYR D 76 -47.61 -7.32 -6.39
CA TYR D 76 -47.83 -8.28 -5.32
C TYR D 76 -49.30 -8.24 -4.87
N LYS D 77 -49.85 -7.03 -4.68
CA LYS D 77 -51.23 -6.86 -4.23
C LYS D 77 -52.23 -7.36 -5.28
N GLU D 78 -52.00 -7.06 -6.56
CA GLU D 78 -52.93 -7.39 -7.63
C GLU D 78 -52.67 -8.79 -8.21
N GLY D 79 -51.65 -9.49 -7.71
CA GLY D 79 -51.39 -10.89 -8.02
C GLY D 79 -50.78 -11.14 -9.40
N HIS D 80 -49.96 -10.22 -9.96
CA HIS D 80 -49.35 -10.49 -11.25
C HIS D 80 -47.82 -10.47 -11.18
N LEU D 81 -47.27 -11.03 -10.09
CA LEU D 81 -45.84 -11.27 -9.98
C LEU D 81 -45.50 -12.52 -10.79
N SER D 82 -44.31 -12.52 -11.40
CA SER D 82 -43.78 -13.68 -12.07
C SER D 82 -43.94 -14.91 -11.19
N PRO D 83 -44.42 -16.05 -11.72
CA PRO D 83 -44.70 -17.24 -10.90
C PRO D 83 -43.52 -17.88 -10.17
N ASP D 84 -42.30 -17.69 -10.70
CA ASP D 84 -41.09 -18.16 -10.03
C ASP D 84 -40.94 -17.45 -8.69
N ILE D 85 -41.23 -16.14 -8.67
CA ILE D 85 -41.20 -15.38 -7.43
C ILE D 85 -42.26 -15.89 -6.46
N VAL D 86 -43.48 -16.11 -6.96
CA VAL D 86 -44.59 -16.44 -6.08
C VAL D 86 -44.36 -17.80 -5.42
N ALA D 87 -43.83 -18.76 -6.19
CA ALA D 87 -43.55 -20.07 -5.65
C ALA D 87 -42.58 -19.98 -4.47
N GLU D 88 -41.58 -19.10 -4.57
CA GLU D 88 -40.63 -18.93 -3.48
C GLU D 88 -41.33 -18.24 -2.30
N GLN D 89 -42.17 -17.25 -2.58
CA GLN D 89 -42.89 -16.56 -1.52
C GLN D 89 -43.75 -17.53 -0.70
N LYS D 90 -44.36 -18.52 -1.37
CA LYS D 90 -45.21 -19.49 -0.71
C LYS D 90 -44.42 -20.39 0.22
N LYS D 91 -43.18 -20.73 -0.18
CA LYS D 91 -42.33 -21.57 0.66
C LYS D 91 -41.97 -20.84 1.94
N LEU D 92 -41.68 -19.56 1.81
CA LEU D 92 -41.39 -18.70 2.94
C LEU D 92 -42.58 -18.59 3.88
N GLU D 93 -43.77 -18.31 3.32
CA GLU D 93 -44.98 -18.16 4.13
C GLU D 93 -45.18 -19.38 5.01
N ALA D 94 -45.00 -20.56 4.42
CA ALA D 94 -45.25 -21.82 5.11
C ALA D 94 -44.20 -22.14 6.18
N ALA D 95 -42.97 -21.60 6.04
CA ALA D 95 -41.84 -22.08 6.80
C ALA D 95 -41.78 -21.40 8.17
N ASP D 96 -41.40 -22.18 9.18
CA ASP D 96 -41.14 -21.66 10.52
C ASP D 96 -39.65 -21.33 10.70
N LEU D 97 -38.80 -22.14 10.06
CA LEU D 97 -37.36 -22.02 10.16
C LEU D 97 -36.80 -21.91 8.74
N VAL D 98 -35.90 -20.94 8.51
CA VAL D 98 -35.20 -20.84 7.23
C VAL D 98 -33.69 -20.96 7.50
N ILE D 99 -33.04 -21.93 6.84
CA ILE D 99 -31.60 -22.07 6.89
C ILE D 99 -31.03 -21.71 5.52
N PHE D 100 -30.01 -20.83 5.54
CA PHE D 100 -29.28 -20.41 4.36
C PHE D 100 -27.90 -21.03 4.40
N GLN D 101 -27.62 -21.91 3.44
CA GLN D 101 -26.35 -22.61 3.34
C GLN D 101 -25.60 -22.08 2.12
N PHE D 102 -24.42 -21.48 2.33
CA PHE D 102 -23.68 -20.94 1.20
C PHE D 102 -22.21 -20.77 1.56
N PRO D 103 -21.31 -20.73 0.54
CA PRO D 103 -19.94 -20.25 0.77
C PRO D 103 -19.83 -18.73 0.77
N LEU D 104 -19.01 -18.19 1.66
CA LEU D 104 -18.72 -16.78 1.66
C LEU D 104 -18.04 -16.44 0.33
N GLN D 105 -18.58 -15.47 -0.39
CA GLN D 105 -17.98 -15.04 -1.65
C GLN D 105 -17.86 -13.52 -1.62
N TRP D 106 -16.62 -13.03 -1.69
CA TRP D 106 -16.35 -11.61 -1.58
C TRP D 106 -17.10 -10.99 -0.40
N PHE D 107 -16.94 -11.62 0.76
CA PHE D 107 -17.35 -11.05 2.04
C PHE D 107 -18.87 -10.89 2.10
N GLY D 108 -19.57 -11.75 1.37
CA GLY D 108 -21.03 -11.74 1.43
C GLY D 108 -21.65 -13.00 0.81
N VAL D 109 -22.95 -12.87 0.52
CA VAL D 109 -23.69 -13.93 -0.09
C VAL D 109 -23.35 -13.98 -1.58
N PRO D 110 -23.38 -15.18 -2.20
CA PRO D 110 -23.24 -15.30 -3.65
C PRO D 110 -24.30 -14.48 -4.39
N ALA D 111 -23.94 -14.00 -5.58
CA ALA D 111 -24.82 -13.20 -6.40
C ALA D 111 -26.20 -13.85 -6.57
N ILE D 112 -26.24 -15.18 -6.79
CA ILE D 112 -27.49 -15.87 -7.04
C ILE D 112 -28.41 -15.79 -5.82
N LEU D 113 -27.84 -15.81 -4.61
CA LEU D 113 -28.65 -15.69 -3.40
C LEU D 113 -29.02 -14.22 -3.16
N LYS D 114 -28.11 -13.29 -3.45
CA LYS D 114 -28.44 -11.88 -3.35
C LYS D 114 -29.68 -11.57 -4.20
N GLY D 115 -29.75 -12.15 -5.40
CA GLY D 115 -30.84 -11.86 -6.31
C GLY D 115 -32.15 -12.49 -5.84
N TRP D 116 -32.05 -13.63 -5.15
CA TRP D 116 -33.22 -14.24 -4.55
C TRP D 116 -33.84 -13.28 -3.55
N PHE D 117 -33.00 -12.67 -2.70
CA PHE D 117 -33.50 -11.68 -1.77
C PHE D 117 -34.16 -10.52 -2.51
N GLU D 118 -33.53 -10.06 -3.60
CA GLU D 118 -34.01 -8.88 -4.31
C GLU D 118 -35.35 -9.14 -4.99
N ARG D 119 -35.53 -10.36 -5.53
CA ARG D 119 -36.74 -10.68 -6.27
C ARG D 119 -37.87 -11.19 -5.35
N VAL D 120 -37.53 -11.83 -4.23
CA VAL D 120 -38.53 -12.50 -3.41
C VAL D 120 -38.97 -11.62 -2.24
N PHE D 121 -38.06 -10.83 -1.64
CA PHE D 121 -38.41 -10.00 -0.50
C PHE D 121 -38.97 -8.66 -0.99
N ILE D 122 -40.22 -8.71 -1.48
CA ILE D 122 -40.94 -7.58 -2.05
C ILE D 122 -41.64 -6.81 -0.95
N GLY D 123 -41.77 -5.50 -1.13
CA GLY D 123 -42.53 -4.67 -0.20
C GLY D 123 -43.92 -5.23 0.05
N GLU D 124 -44.44 -5.06 1.28
CA GLU D 124 -45.74 -5.54 1.72
C GLU D 124 -45.69 -7.03 2.07
N PHE D 125 -45.02 -7.82 1.25
CA PHE D 125 -44.86 -9.22 1.56
C PHE D 125 -43.89 -9.41 2.72
N ALA D 126 -42.72 -8.74 2.66
CA ALA D 126 -41.59 -9.05 3.54
C ALA D 126 -41.26 -7.89 4.49
N TYR D 127 -41.79 -6.70 4.20
CA TYR D 127 -41.53 -5.52 5.01
C TYR D 127 -42.54 -4.44 4.64
N THR D 128 -42.83 -3.54 5.57
CA THR D 128 -43.47 -2.25 5.27
C THR D 128 -42.74 -1.18 6.05
N TYR D 129 -43.07 0.08 5.74
CA TYR D 129 -42.54 1.26 6.42
C TYR D 129 -42.97 1.26 7.88
N ALA D 130 -44.17 0.71 8.15
CA ALA D 130 -44.70 0.62 9.50
C ALA D 130 -44.17 -0.63 10.23
N ALA D 131 -43.88 -1.72 9.50
CA ALA D 131 -43.50 -2.98 10.09
C ALA D 131 -42.06 -3.34 9.72
N MET D 132 -41.10 -2.77 10.45
CA MET D 132 -39.69 -2.99 10.25
C MET D 132 -39.14 -3.72 11.46
N TYR D 133 -38.00 -4.40 11.28
CA TYR D 133 -37.24 -4.97 12.37
C TYR D 133 -38.20 -5.85 13.19
N ASP D 134 -38.22 -5.68 14.52
CA ASP D 134 -38.91 -6.64 15.37
C ASP D 134 -40.43 -6.61 15.15
N LYS D 135 -40.96 -5.62 14.41
CA LYS D 135 -42.38 -5.54 14.09
C LYS D 135 -42.66 -6.10 12.69
N GLY D 136 -41.66 -6.72 12.06
CA GLY D 136 -41.81 -7.14 10.68
C GLY D 136 -42.68 -8.39 10.54
N PRO D 137 -43.13 -8.68 9.30
CA PRO D 137 -44.00 -9.81 9.03
C PRO D 137 -43.48 -11.18 9.44
N PHE D 138 -42.16 -11.39 9.48
CA PHE D 138 -41.61 -12.71 9.71
C PHE D 138 -41.19 -12.87 11.18
N ARG D 139 -41.82 -12.10 12.09
CA ARG D 139 -41.40 -12.09 13.48
C ARG D 139 -41.69 -13.42 14.19
N SER D 140 -42.47 -14.31 13.57
CA SER D 140 -42.78 -15.61 14.15
C SER D 140 -41.78 -16.66 13.68
N LYS D 141 -40.92 -16.28 12.74
CA LYS D 141 -40.03 -17.22 12.08
C LYS D 141 -38.60 -17.02 12.57
N LYS D 142 -37.79 -18.07 12.40
CA LYS D 142 -36.39 -18.05 12.79
C LYS D 142 -35.54 -18.32 11.55
N ALA D 143 -34.40 -17.62 11.45
CA ALA D 143 -33.47 -17.80 10.35
C ALA D 143 -32.07 -18.05 10.90
N VAL D 144 -31.27 -18.83 10.15
CA VAL D 144 -29.88 -19.07 10.53
C VAL D 144 -29.04 -19.13 9.25
N LEU D 145 -27.88 -18.47 9.28
CA LEU D 145 -26.88 -18.58 8.23
C LEU D 145 -25.93 -19.71 8.58
N SER D 146 -25.64 -20.56 7.59
CA SER D 146 -24.59 -21.55 7.68
C SER D 146 -23.60 -21.27 6.55
N ILE D 147 -22.39 -20.82 6.95
CA ILE D 147 -21.41 -20.25 6.05
C ILE D 147 -20.13 -21.08 6.08
N THR D 148 -19.55 -21.33 4.90
CA THR D 148 -18.21 -21.88 4.79
C THR D 148 -17.29 -20.81 4.20
N THR D 149 -16.04 -20.80 4.70
CA THR D 149 -15.00 -19.94 4.17
C THR D 149 -13.80 -20.77 3.75
N GLY D 150 -13.02 -20.21 2.82
CA GLY D 150 -11.69 -20.68 2.47
C GLY D 150 -10.64 -20.22 3.48
N GLY D 151 -10.75 -18.96 3.93
CA GLY D 151 -9.81 -18.39 4.88
C GLY D 151 -10.05 -18.90 6.31
N SER D 152 -9.03 -18.78 7.17
N SER D 152 -9.04 -18.74 7.16
CA SER D 152 -9.07 -19.29 8.52
CA SER D 152 -9.05 -19.27 8.52
C SER D 152 -9.76 -18.30 9.46
C SER D 152 -9.77 -18.30 9.46
N GLY D 153 -10.19 -18.81 10.62
CA GLY D 153 -10.91 -18.01 11.60
C GLY D 153 -10.07 -16.85 12.13
N SER D 154 -8.76 -17.08 12.22
CA SER D 154 -7.86 -16.07 12.73
C SER D 154 -7.87 -14.85 11.83
N MET D 155 -8.10 -15.03 10.51
CA MET D 155 -8.08 -13.93 9.55
C MET D 155 -9.28 -13.01 9.79
N TYR D 156 -10.34 -13.55 10.41
CA TYR D 156 -11.55 -12.79 10.70
C TYR D 156 -11.75 -12.55 12.19
N SER D 157 -10.68 -12.69 12.97
CA SER D 157 -10.69 -12.30 14.38
C SER D 157 -10.47 -10.80 14.45
N LEU D 158 -10.51 -10.23 15.68
CA LEU D 158 -10.34 -8.79 15.88
C LEU D 158 -8.98 -8.35 15.36
N GLN D 159 -7.98 -9.24 15.42
CA GLN D 159 -6.60 -8.91 15.08
C GLN D 159 -6.21 -9.47 13.72
N GLY D 160 -7.14 -10.11 13.00
CA GLY D 160 -6.84 -10.70 11.72
C GLY D 160 -6.84 -9.68 10.58
N ILE D 161 -6.16 -10.05 9.49
CA ILE D 161 -5.96 -9.20 8.32
C ILE D 161 -7.30 -8.75 7.75
N HIS D 162 -8.33 -9.60 7.75
CA HIS D 162 -9.62 -9.23 7.14
C HIS D 162 -10.49 -8.38 8.06
N GLY D 163 -10.25 -8.43 9.37
CA GLY D 163 -11.04 -7.70 10.34
C GLY D 163 -12.20 -8.54 10.86
N ASP D 164 -12.97 -7.95 11.79
CA ASP D 164 -13.98 -8.65 12.58
C ASP D 164 -15.08 -9.22 11.68
N MET D 165 -15.33 -10.52 11.80
CA MET D 165 -16.40 -11.21 11.10
C MET D 165 -17.76 -10.62 11.49
N ASN D 166 -17.88 -10.10 12.71
CA ASN D 166 -19.14 -9.54 13.21
C ASN D 166 -19.58 -8.39 12.32
N VAL D 167 -18.63 -7.63 11.78
CA VAL D 167 -18.93 -6.50 10.91
C VAL D 167 -19.42 -6.98 9.56
N ILE D 168 -18.83 -8.08 9.08
CA ILE D 168 -19.16 -8.66 7.78
C ILE D 168 -20.58 -9.22 7.78
N LEU D 169 -21.02 -9.81 8.89
CA LEU D 169 -22.34 -10.45 8.96
C LEU D 169 -23.46 -9.45 9.16
N TRP D 170 -23.14 -8.27 9.71
CA TRP D 170 -24.14 -7.30 10.15
C TRP D 170 -25.09 -6.93 9.00
N PRO D 171 -24.60 -6.53 7.81
CA PRO D 171 -25.48 -6.11 6.73
C PRO D 171 -26.49 -7.21 6.37
N ILE D 172 -26.08 -8.47 6.50
CA ILE D 172 -26.92 -9.58 6.11
C ILE D 172 -27.92 -9.86 7.22
N GLN D 173 -27.43 -10.02 8.46
CA GLN D 173 -28.27 -10.47 9.55
C GLN D 173 -29.19 -9.36 10.02
N SER D 174 -28.72 -8.12 10.08
CA SER D 174 -29.57 -7.00 10.49
C SER D 174 -30.37 -6.46 9.31
N GLY D 175 -29.66 -6.15 8.22
CA GLY D 175 -30.20 -5.40 7.10
C GLY D 175 -31.14 -6.21 6.22
N ILE D 176 -30.97 -7.52 6.14
CA ILE D 176 -31.85 -8.34 5.32
C ILE D 176 -32.83 -9.11 6.22
N LEU D 177 -32.30 -9.93 7.13
CA LEU D 177 -33.15 -10.91 7.82
C LEU D 177 -33.94 -10.23 8.94
N HIS D 178 -33.26 -9.54 9.87
CA HIS D 178 -33.96 -8.94 10.99
C HIS D 178 -34.87 -7.80 10.54
N PHE D 179 -34.48 -7.07 9.49
CA PHE D 179 -35.30 -6.03 8.90
C PHE D 179 -36.71 -6.55 8.54
N CYS D 180 -36.82 -7.81 8.10
CA CYS D 180 -38.10 -8.39 7.72
C CYS D 180 -38.80 -9.08 8.91
N GLY D 181 -38.15 -9.06 10.08
CA GLY D 181 -38.77 -9.56 11.30
C GLY D 181 -38.13 -10.86 11.82
N PHE D 182 -37.29 -11.54 11.02
CA PHE D 182 -36.75 -12.81 11.45
C PHE D 182 -36.06 -12.65 12.80
N GLN D 183 -36.33 -13.63 13.67
CA GLN D 183 -35.43 -13.90 14.78
C GLN D 183 -34.20 -14.58 14.17
N VAL D 184 -33.02 -14.04 14.45
CA VAL D 184 -31.82 -14.57 13.84
C VAL D 184 -31.03 -15.34 14.88
N LEU D 185 -30.70 -16.58 14.56
CA LEU D 185 -29.94 -17.44 15.45
C LEU D 185 -28.45 -17.31 15.15
N GLU D 186 -27.65 -17.84 16.09
CA GLU D 186 -26.21 -17.82 15.97
C GLU D 186 -25.83 -18.46 14.65
N PRO D 187 -24.98 -17.80 13.83
CA PRO D 187 -24.56 -18.39 12.57
C PRO D 187 -23.68 -19.61 12.84
N GLN D 188 -23.77 -20.59 11.94
CA GLN D 188 -22.86 -21.71 11.88
C GLN D 188 -21.71 -21.35 10.93
N LEU D 189 -20.51 -21.16 11.51
CA LEU D 189 -19.35 -20.73 10.74
C LEU D 189 -18.38 -21.89 10.64
N THR D 190 -18.07 -22.30 9.40
CA THR D 190 -17.16 -23.38 9.14
C THR D 190 -15.98 -22.82 8.35
N TYR D 191 -14.90 -22.49 9.07
CA TYR D 191 -13.75 -21.84 8.49
C TYR D 191 -12.78 -22.86 7.90
N SER D 192 -12.02 -22.40 6.90
CA SER D 192 -10.96 -23.14 6.25
C SER D 192 -11.32 -24.61 6.06
N ILE D 193 -12.47 -24.82 5.40
CA ILE D 193 -13.01 -26.16 5.21
C ILE D 193 -12.11 -26.96 4.25
N GLY D 194 -11.40 -26.23 3.37
CA GLY D 194 -10.58 -26.85 2.35
C GLY D 194 -9.29 -27.45 2.92
N HIS D 195 -8.88 -27.07 4.12
CA HIS D 195 -7.68 -27.62 4.74
C HIS D 195 -8.05 -28.47 5.96
N THR D 196 -9.29 -28.99 5.98
CA THR D 196 -9.74 -29.77 7.11
C THR D 196 -9.75 -31.25 6.70
N PRO D 197 -9.04 -32.14 7.43
CA PRO D 197 -9.06 -33.57 7.11
C PRO D 197 -10.41 -34.24 7.39
N ALA D 198 -10.59 -35.39 6.73
CA ALA D 198 -11.87 -36.07 6.63
C ALA D 198 -12.51 -36.33 7.99
N ASP D 199 -11.71 -36.77 8.99
CA ASP D 199 -12.29 -37.14 10.27
C ASP D 199 -12.93 -35.92 10.94
N ALA D 200 -12.27 -34.76 10.80
CA ALA D 200 -12.79 -33.51 11.35
C ALA D 200 -14.06 -33.07 10.62
N ARG D 201 -14.04 -33.18 9.28
CA ARG D 201 -15.22 -32.86 8.48
C ARG D 201 -16.42 -33.66 9.00
N ILE D 202 -16.20 -34.95 9.31
CA ILE D 202 -17.28 -35.82 9.78
C ILE D 202 -17.82 -35.30 11.12
N GLN D 203 -16.93 -34.89 12.02
CA GLN D 203 -17.36 -34.35 13.30
C GLN D 203 -18.20 -33.09 13.09
N ILE D 204 -17.80 -32.24 12.11
CA ILE D 204 -18.48 -30.98 11.89
C ILE D 204 -19.93 -31.25 11.48
N LEU D 205 -20.13 -32.19 10.54
CA LEU D 205 -21.47 -32.56 10.13
C LEU D 205 -22.26 -33.09 11.34
N GLU D 206 -21.62 -33.90 12.18
CA GLU D 206 -22.27 -34.50 13.33
C GLU D 206 -22.70 -33.41 14.30
N GLY D 207 -21.83 -32.42 14.54
CA GLY D 207 -22.14 -31.32 15.43
C GLY D 207 -23.27 -30.45 14.88
N TRP D 208 -23.32 -30.27 13.56
CA TRP D 208 -24.38 -29.54 12.90
C TRP D 208 -25.70 -30.25 13.18
N LYS D 209 -25.71 -31.57 12.99
CA LYS D 209 -26.91 -32.38 13.17
C LYS D 209 -27.37 -32.32 14.62
N LYS D 210 -26.40 -32.35 15.55
CA LYS D 210 -26.72 -32.36 16.97
C LYS D 210 -27.38 -31.02 17.34
N ARG D 211 -26.80 -29.91 16.87
CA ARG D 211 -27.36 -28.57 17.10
C ARG D 211 -28.80 -28.49 16.59
N LEU D 212 -29.07 -29.06 15.41
CA LEU D 212 -30.37 -28.88 14.77
C LEU D 212 -31.48 -29.59 15.53
N GLU D 213 -31.13 -30.55 16.40
CA GLU D 213 -32.13 -31.27 17.17
C GLU D 213 -32.86 -30.34 18.13
N ASN D 214 -32.22 -29.26 18.59
CA ASN D 214 -32.82 -28.36 19.56
C ASN D 214 -32.79 -26.91 19.08
N ILE D 215 -32.69 -26.70 17.77
CA ILE D 215 -32.46 -25.37 17.20
C ILE D 215 -33.58 -24.43 17.65
N TRP D 216 -34.80 -24.96 17.78
CA TRP D 216 -35.94 -24.12 18.04
C TRP D 216 -35.90 -23.52 19.45
N ASP D 217 -35.14 -24.12 20.37
CA ASP D 217 -35.10 -23.67 21.76
C ASP D 217 -34.04 -22.58 22.00
N GLU D 218 -33.18 -22.29 20.99
CA GLU D 218 -32.04 -21.43 21.19
C GLU D 218 -32.47 -19.98 21.38
N THR D 219 -31.66 -19.24 22.14
CA THR D 219 -31.84 -17.80 22.25
C THR D 219 -31.29 -17.15 20.97
N PRO D 220 -32.04 -16.22 20.35
CA PRO D 220 -31.52 -15.45 19.22
C PRO D 220 -30.49 -14.39 19.56
N LEU D 221 -29.83 -13.89 18.50
CA LEU D 221 -28.91 -12.75 18.60
C LEU D 221 -29.67 -11.50 19.03
N TYR D 222 -28.96 -10.57 19.66
CA TYR D 222 -29.53 -9.32 20.09
C TYR D 222 -29.38 -8.26 18.99
N PHE D 223 -30.52 -7.65 18.66
CA PHE D 223 -30.58 -6.39 17.92
C PHE D 223 -31.33 -5.37 18.77
N ALA D 224 -31.00 -4.08 18.64
CA ALA D 224 -31.72 -3.02 19.34
C ALA D 224 -33.19 -3.10 18.96
N PRO D 225 -34.13 -3.19 19.93
CA PRO D 225 -35.56 -3.16 19.63
C PRO D 225 -36.00 -1.86 18.97
N SER D 226 -37.04 -1.94 18.13
CA SER D 226 -37.53 -0.79 17.38
C SER D 226 -38.10 0.26 18.34
N SER D 227 -38.58 -0.19 19.50
CA SER D 227 -39.15 0.64 20.53
C SER D 227 -38.14 1.63 21.11
N LEU D 228 -36.84 1.51 20.80
CA LEU D 228 -35.85 2.51 21.21
C LEU D 228 -35.89 3.72 20.29
N PHE D 229 -36.71 3.71 19.24
CA PHE D 229 -36.63 4.69 18.15
C PHE D 229 -37.97 5.39 17.96
N ASP D 230 -37.92 6.64 17.46
CA ASP D 230 -39.10 7.35 16.99
C ASP D 230 -39.35 7.00 15.54
N LEU D 231 -40.32 6.11 15.32
CA LEU D 231 -40.55 5.55 14.00
C LEU D 231 -41.48 6.45 13.20
N ASN D 232 -40.98 7.62 12.78
CA ASN D 232 -41.74 8.45 11.85
C ASN D 232 -40.79 9.41 11.14
N PHE D 233 -41.24 9.94 10.01
CA PHE D 233 -40.41 10.67 9.07
C PHE D 233 -39.93 12.00 9.66
N GLN D 234 -40.74 12.60 10.54
CA GLN D 234 -40.39 13.90 11.11
C GLN D 234 -39.27 13.77 12.14
N ALA D 235 -39.29 12.68 12.91
CA ALA D 235 -38.25 12.42 13.90
C ALA D 235 -36.98 11.87 13.25
N GLY D 236 -37.09 11.40 11.99
CA GLY D 236 -35.95 10.94 11.20
C GLY D 236 -35.52 9.52 11.56
N PHE D 237 -36.39 8.76 12.25
CA PHE D 237 -36.11 7.43 12.74
C PHE D 237 -34.85 7.42 13.59
N LEU D 238 -34.66 8.47 14.39
CA LEU D 238 -33.58 8.54 15.37
C LEU D 238 -34.02 7.88 16.67
N MET D 239 -33.00 7.43 17.42
CA MET D 239 -33.16 6.90 18.77
C MET D 239 -33.81 7.99 19.64
N LYS D 240 -34.76 7.57 20.49
CA LYS D 240 -35.42 8.49 21.41
C LYS D 240 -34.41 9.12 22.35
N LYS D 241 -34.68 10.39 22.69
CA LYS D 241 -33.85 11.19 23.58
C LYS D 241 -33.61 10.49 24.93
N GLU D 242 -34.68 9.93 25.52
CA GLU D 242 -34.60 9.31 26.83
C GLU D 242 -33.68 8.09 26.78
N VAL D 243 -33.69 7.35 25.67
CA VAL D 243 -32.86 6.17 25.52
C VAL D 243 -31.40 6.60 25.32
N GLN D 244 -31.19 7.68 24.58
CA GLN D 244 -29.85 8.25 24.44
C GLN D 244 -29.28 8.60 25.81
N ASP D 245 -30.10 9.25 26.66
CA ASP D 245 -29.68 9.69 27.97
C ASP D 245 -29.33 8.50 28.87
N GLU D 246 -30.11 7.43 28.81
CA GLU D 246 -29.85 6.21 29.58
C GLU D 246 -28.59 5.48 29.13
N GLU D 247 -28.18 5.65 27.87
CA GLU D 247 -27.06 4.91 27.31
C GLU D 247 -25.75 5.69 27.43
N LYS D 248 -25.83 7.00 27.67
CA LYS D 248 -24.69 7.91 27.58
C LYS D 248 -23.45 7.34 28.29
N ASN D 249 -23.65 6.81 29.49
CA ASN D 249 -22.55 6.49 30.40
C ASN D 249 -22.20 5.00 30.38
N LYS D 250 -22.80 4.21 29.49
CA LYS D 250 -22.41 2.81 29.34
C LYS D 250 -21.16 2.73 28.46
N LYS D 251 -20.35 1.69 28.68
CA LYS D 251 -19.07 1.55 28.01
C LYS D 251 -19.23 0.94 26.61
N PHE D 252 -20.20 0.02 26.47
CA PHE D 252 -20.45 -0.71 25.26
C PHE D 252 -21.69 -0.14 24.56
N GLY D 253 -21.66 -0.15 23.22
CA GLY D 253 -22.83 0.07 22.40
C GLY D 253 -23.80 -1.11 22.47
N LEU D 254 -24.88 -1.02 21.68
CA LEU D 254 -25.98 -1.96 21.69
C LEU D 254 -25.73 -3.12 20.75
N SER D 255 -25.07 -2.84 19.62
CA SER D 255 -24.88 -3.80 18.54
C SER D 255 -23.77 -3.30 17.62
N VAL D 256 -23.46 -4.08 16.58
CA VAL D 256 -22.44 -3.70 15.63
C VAL D 256 -22.84 -2.40 14.92
N GLY D 257 -24.09 -2.33 14.43
CA GLY D 257 -24.56 -1.16 13.72
C GLY D 257 -24.85 0.01 14.66
N HIS D 258 -25.31 -0.34 15.86
CA HIS D 258 -25.62 0.63 16.89
C HIS D 258 -24.50 0.67 17.92
N HIS D 259 -23.28 0.93 17.45
CA HIS D 259 -22.12 0.97 18.32
C HIS D 259 -22.06 2.30 19.07
N LEU D 260 -22.74 3.32 18.53
CA LEU D 260 -22.90 4.62 19.16
C LEU D 260 -21.55 5.30 19.41
N GLY D 261 -20.51 4.89 18.68
CA GLY D 261 -19.18 5.48 18.83
C GLY D 261 -18.40 4.90 19.99
N LYS D 262 -18.92 3.82 20.58
CA LYS D 262 -18.32 3.20 21.75
C LYS D 262 -17.87 1.81 21.33
N SER D 263 -17.53 0.97 22.29
CA SER D 263 -17.04 -0.38 22.01
C SER D 263 -18.19 -1.25 21.54
N ILE D 264 -17.92 -2.15 20.59
CA ILE D 264 -18.92 -3.04 20.07
C ILE D 264 -19.00 -4.23 21.00
N PRO D 265 -20.20 -4.62 21.47
CA PRO D 265 -20.31 -5.76 22.38
C PRO D 265 -19.66 -6.95 21.69
N THR D 266 -18.94 -7.76 22.46
CA THR D 266 -18.19 -8.88 21.93
C THR D 266 -19.15 -9.89 21.30
N ASP D 267 -18.83 -10.27 20.06
CA ASP D 267 -19.52 -11.30 19.30
C ASP D 267 -21.03 -11.04 19.24
N ASN D 268 -21.40 -9.78 19.04
CA ASN D 268 -22.79 -9.36 18.90
C ASN D 268 -23.49 -10.13 17.79
N GLN D 269 -22.77 -10.45 16.71
CA GLN D 269 -23.42 -11.09 15.55
C GLN D 269 -23.08 -12.57 15.47
N ILE D 270 -22.29 -13.10 16.41
CA ILE D 270 -21.86 -14.48 16.38
C ILE D 270 -22.43 -15.29 17.55
N LYS D 271 -22.59 -14.68 18.73
CA LYS D 271 -23.05 -15.39 19.93
C LYS D 271 -24.24 -14.66 20.55
N ALA D 272 -25.27 -15.41 20.95
CA ALA D 272 -26.40 -14.82 21.67
C ALA D 272 -25.98 -14.56 23.11
N ARG D 273 -26.62 -13.56 23.74
CA ARG D 273 -26.30 -13.18 25.12
C ARG D 273 -26.57 -14.32 26.10
N LYS D 274 -27.72 -15.01 25.97
CA LYS D 274 -28.08 -16.14 26.83
C LYS D 274 -27.90 -17.44 26.03
PA FAD E . 7.74 22.84 1.64
O1A FAD E . 6.64 22.00 1.12
O2A FAD E . 7.69 23.16 3.08
O5B FAD E . 7.79 24.19 0.79
C5B FAD E . 8.60 25.29 1.29
C4B FAD E . 7.83 26.58 1.18
O4B FAD E . 7.52 26.87 -0.21
C3B FAD E . 6.48 26.63 1.91
O3B FAD E . 6.36 27.90 2.53
C2B FAD E . 5.50 26.41 0.75
O2B FAD E . 4.15 26.76 0.99
C1B FAD E . 6.17 27.30 -0.27
N9A FAD E . 5.66 27.14 -1.63
C8A FAD E . 5.01 26.06 -2.16
N7A FAD E . 4.64 26.22 -3.42
C5A FAD E . 5.11 27.49 -3.73
C6A FAD E . 5.05 28.24 -4.92
N6A FAD E . 4.44 27.83 -6.03
N1A FAD E . 5.66 29.46 -4.93
C2A FAD E . 6.23 29.88 -3.78
N3A FAD E . 6.33 29.27 -2.60
C4A FAD E . 5.75 28.05 -2.64
N1 FAD E . 17.31 18.58 4.97
C2 FAD E . 18.67 18.65 4.87
O2 FAD E . 19.28 19.72 4.68
N3 FAD E . 19.40 17.48 4.98
C4 FAD E . 18.92 16.21 5.28
O4 FAD E . 19.65 15.24 5.32
C4X FAD E . 17.53 16.15 5.38
N5 FAD E . 16.99 14.98 5.62
C5X FAD E . 15.63 14.90 5.67
C6 FAD E . 15.03 13.64 5.90
C7 FAD E . 13.66 13.50 5.94
C7M FAD E . 13.03 12.14 6.16
C8 FAD E . 12.83 14.63 5.71
C8M FAD E . 11.33 14.50 5.70
C9 FAD E . 13.41 15.87 5.51
C9A FAD E . 14.81 16.02 5.47
N10 FAD E . 15.40 17.26 5.27
C10 FAD E . 16.78 17.38 5.19
C1' FAD E . 14.59 18.46 5.02
C2' FAD E . 14.12 18.50 3.58
O2' FAD E . 15.22 18.57 2.66
C3' FAD E . 13.16 19.66 3.36
O3' FAD E . 12.05 19.42 4.20
C4' FAD E . 12.70 19.84 1.93
O4' FAD E . 13.84 20.03 1.09
C5' FAD E . 11.74 21.00 1.84
O5' FAD E . 11.21 21.05 0.49
P FAD E . 9.62 20.98 0.30
O1P FAD E . 9.34 21.06 -1.16
O2P FAD E . 9.11 19.83 1.09
O3P FAD E . 9.15 22.25 1.17
PA FAD F . 24.14 -14.23 -3.11
O1A FAD F . 22.66 -14.17 -3.04
O2A FAD F . 24.76 -14.07 -4.45
O5B FAD F . 24.67 -15.57 -2.40
C5B FAD F . 26.04 -15.95 -2.67
C4B FAD F . 26.25 -17.44 -2.46
O4B FAD F . 26.59 -17.72 -1.07
C3B FAD F . 25.04 -18.34 -2.81
O3B FAD F . 25.46 -19.45 -3.59
C2B FAD F . 24.54 -18.78 -1.42
O2B FAD F . 23.79 -19.97 -1.48
C1B FAD F . 25.89 -18.91 -0.70
N9A FAD F . 25.84 -19.05 0.75
C8A FAD F . 24.84 -18.63 1.60
N7A FAD F . 25.05 -18.93 2.85
C5A FAD F . 26.27 -19.61 2.84
C6A FAD F . 27.04 -20.18 3.86
N6A FAD F . 26.67 -20.19 5.15
N1A FAD F . 28.20 -20.79 3.51
C2A FAD F . 28.55 -20.80 2.22
N3A FAD F . 27.90 -20.28 1.17
C4A FAD F . 26.76 -19.69 1.55
N1 FAD F . 27.38 -4.23 -6.41
C2 FAD F . 28.35 -3.27 -6.34
O2 FAD F . 29.53 -3.54 -6.11
N3 FAD F . 27.97 -1.93 -6.52
C4 FAD F . 26.71 -1.45 -6.80
O4 FAD F . 26.49 -0.26 -6.89
C4X FAD F . 25.71 -2.49 -6.86
N5 FAD F . 24.46 -2.13 -7.13
C5X FAD F . 23.51 -3.12 -7.15
C6 FAD F . 22.16 -2.75 -7.37
C7 FAD F . 21.15 -3.66 -7.35
C7M FAD F . 19.72 -3.22 -7.56
C8 FAD F . 21.46 -5.06 -7.14
C8M FAD F . 20.39 -6.11 -7.12
C9 FAD F . 22.78 -5.44 -6.96
C9A FAD F . 23.82 -4.50 -6.94
N10 FAD F . 25.15 -4.84 -6.71
C10 FAD F . 26.14 -3.86 -6.66
C1' FAD F . 25.53 -6.24 -6.44
C2' FAD F . 25.24 -6.66 -4.98
O2' FAD F . 25.96 -5.83 -4.05
C3' FAD F . 25.55 -8.16 -4.75
O3' FAD F . 24.58 -8.90 -5.49
C4' FAD F . 25.58 -8.63 -3.28
O4' FAD F . 26.72 -8.07 -2.62
C5' FAD F . 25.48 -10.17 -3.28
O5' FAD F . 25.44 -10.86 -1.98
P FAD F . 24.25 -11.82 -1.50
O1P FAD F . 24.16 -11.95 0.00
O2P FAD F . 23.09 -11.37 -2.32
O3P FAD F . 24.76 -13.24 -2.02
PA FAD G . -35.17 7.06 -9.64
O1A FAD G . -35.09 6.24 -10.87
O2A FAD G . -36.35 6.91 -8.76
O5B FAD G . -34.81 8.59 -9.90
C5B FAD G . -34.86 9.51 -8.76
C4B FAD G . -35.42 10.85 -9.20
O4B FAD G . -34.45 11.56 -10.02
C3B FAD G . -36.70 10.75 -10.05
O3B FAD G . -37.69 11.75 -9.80
C2B FAD G . -36.15 10.91 -11.47
O2B FAD G . -37.18 11.30 -12.34
C1B FAD G . -35.09 11.97 -11.21
N9A FAD G . -34.13 12.15 -12.30
C8A FAD G . -33.82 11.27 -13.31
N7A FAD G . -32.97 11.74 -14.20
C5A FAD G . -32.74 13.03 -13.76
C6A FAD G . -31.95 14.06 -14.28
N6A FAD G . -31.25 13.94 -15.41
N1A FAD G . -31.96 15.25 -13.63
C2A FAD G . -32.70 15.38 -12.52
N3A FAD G . -33.49 14.47 -11.93
C4A FAD G . -33.46 13.30 -12.60
N1 FAD G . -32.90 1.97 -0.26
C2 FAD G . -32.26 2.04 0.94
O2 FAD G . -32.05 3.11 1.52
N3 FAD G . -31.83 0.86 1.55
C4 FAD G . -32.01 -0.42 1.07
O4 FAD G . -31.53 -1.38 1.64
C4X FAD G . -32.68 -0.46 -0.18
N5 FAD G . -32.91 -1.64 -0.69
C5X FAD G . -33.51 -1.70 -1.91
C6 FAD G . -33.69 -2.96 -2.49
C7 FAD G . -34.20 -3.10 -3.75
C7M FAD G . -34.34 -4.48 -4.34
C8 FAD G . -34.59 -1.93 -4.48
C8M FAD G . -35.18 -2.03 -5.86
C9 FAD G . -34.48 -0.70 -3.89
C9A FAD G . -33.91 -0.55 -2.62
N10 FAD G . -33.74 0.69 -2.02
C10 FAD G . -33.08 0.79 -0.79
C1' FAD G . -34.10 1.90 -2.75
C2' FAD G . -33.07 2.22 -3.83
O2' FAD G . -31.77 2.55 -3.36
C3' FAD G . -33.68 3.40 -4.61
O3' FAD G . -34.84 2.85 -5.26
C4' FAD G . -32.71 4.05 -5.58
O4' FAD G . -31.49 4.41 -4.94
C5' FAD G . -33.26 5.30 -6.21
O5' FAD G . -32.37 5.67 -7.30
P FAD G . -32.87 5.47 -8.80
O1P FAD G . -31.70 5.79 -9.64
O2P FAD G . -33.70 4.25 -8.93
O3P FAD G . -33.85 6.74 -8.81
PA FAD H . -15.39 -27.94 -1.30
O1A FAD H . -16.28 -28.32 -2.44
O2A FAD H . -13.99 -27.55 -1.60
O5B FAD H . -15.50 -29.02 -0.12
C5B FAD H . -14.39 -29.09 0.82
C4B FAD H . -14.12 -30.52 1.21
O4B FAD H . -15.34 -31.17 1.67
C3B FAD H . -13.57 -31.39 0.07
O3B FAD H . -12.47 -32.19 0.51
C2B FAD H . -14.79 -32.25 -0.29
O2B FAD H . -14.50 -33.45 -0.97
C1B FAD H . -15.33 -32.49 1.12
N9A FAD H . -16.65 -33.12 1.18
C8A FAD H . -17.65 -33.02 0.26
N7A FAD H . -18.73 -33.71 0.54
C5A FAD H . -18.39 -34.33 1.73
C6A FAD H . -19.12 -35.20 2.56
N6A FAD H . -20.36 -35.60 2.25
N1A FAD H . -18.53 -35.65 3.69
C2A FAD H . -17.27 -35.24 3.96
N3A FAD H . -16.50 -34.41 3.26
C4A FAD H . -17.12 -33.98 2.14
N1 FAD H . -13.44 -17.32 0.97
C2 FAD H . -13.26 -16.41 1.96
O2 FAD H . -12.82 -16.76 3.05
N3 FAD H . -13.63 -15.09 1.73
C4 FAD H . -14.13 -14.58 0.55
O4 FAD H . -14.48 -13.41 0.47
C4X FAD H . -14.27 -15.55 -0.49
N5 FAD H . -14.70 -15.17 -1.67
C5X FAD H . -14.83 -16.10 -2.66
C6 FAD H . -15.33 -15.69 -3.91
C7 FAD H . -15.50 -16.59 -4.95
C7M FAD H . -16.04 -16.14 -6.28
C8 FAD H . -15.20 -17.97 -4.73
C8M FAD H . -15.41 -18.98 -5.81
C9 FAD H . -14.73 -18.39 -3.49
C9A FAD H . -14.55 -17.47 -2.45
N10 FAD H . -14.06 -17.85 -1.20
C10 FAD H . -13.91 -16.92 -0.19
C1' FAD H . -13.77 -19.27 -0.90
C2' FAD H . -15.06 -20.01 -0.53
O2' FAD H . -15.76 -19.40 0.58
C3' FAD H . -14.79 -21.50 -0.24
O3' FAD H . -14.13 -22.08 -1.36
C4' FAD H . -16.02 -22.36 0.14
O4' FAD H . -16.50 -22.03 1.46
C5' FAD H . -15.62 -23.82 0.11
O5' FAD H . -16.66 -24.74 0.51
P FAD H . -17.20 -25.78 -0.56
O1P FAD H . -18.47 -26.33 -0.01
O2P FAD H . -17.15 -25.22 -1.93
O3P FAD H . -15.96 -26.75 -0.39
#